data_1UFR
#
_entry.id   1UFR
#
_cell.length_a   58.310
_cell.length_b   114.136
_cell.length_c   146.190
_cell.angle_alpha   90.00
_cell.angle_beta   90.00
_cell.angle_gamma   90.00
#
_symmetry.space_group_name_H-M   'P 21 21 21'
#
loop_
_entity.id
_entity.type
_entity.pdbx_description
1 polymer 'pyr mRNA-binding attenuation protein'
2 non-polymer 'CHLORIDE ION'
3 water water
#
_entity_poly.entity_id   1
_entity_poly.type   'polypeptide(L)'
_entity_poly.pdbx_seq_one_letter_code
;(MSE)RFKAEL(MSE)NAPE(MSE)RRALYRIAHEIVEANKGTEGLALVGIHTRGIPLAHRIARFIAEFEGKEVPVGVLD
ITLYRDDLTEIGYRPQVRETRIPFDLTGKAIVLVDDVLYTGRTARAALDALIDLGRPRRIYLAVLVDRGHRELPIRADFV
GKNVPTSRSEVVKVKVEEVDGEDRVELWEREGA
;
_entity_poly.pdbx_strand_id   A,B,C,D
#
loop_
_chem_comp.id
_chem_comp.type
_chem_comp.name
_chem_comp.formula
CL non-polymer 'CHLORIDE ION' 'Cl -1'
#
# COMPACT_ATOMS: atom_id res chain seq x y z
N MSE A 1 -33.62 16.28 -20.69
CA MSE A 1 -33.62 15.20 -19.65
C MSE A 1 -32.26 15.03 -18.96
O MSE A 1 -31.28 14.57 -19.58
CB MSE A 1 -34.02 13.85 -20.29
CG MSE A 1 -33.70 12.60 -19.42
SE MSE A 1 -32.63 11.12 -20.26
CE MSE A 1 -30.88 11.99 -20.38
N ARG A 2 -32.16 15.43 -17.69
CA ARG A 2 -30.93 15.20 -16.94
C ARG A 2 -31.46 14.03 -16.12
N PHE A 3 -32.54 14.27 -15.36
CA PHE A 3 -33.16 13.18 -14.61
C PHE A 3 -33.78 12.22 -15.63
N LYS A 4 -33.52 10.94 -15.49
CA LYS A 4 -34.03 9.96 -16.44
C LYS A 4 -35.09 9.00 -15.91
N ALA A 5 -34.84 8.41 -14.75
CA ALA A 5 -35.81 7.49 -14.16
C ALA A 5 -35.49 7.09 -12.72
N GLU A 6 -36.51 6.64 -12.01
CA GLU A 6 -36.34 6.19 -10.63
C GLU A 6 -35.95 4.71 -10.63
N LEU A 7 -34.74 4.43 -10.14
CA LEU A 7 -34.21 3.07 -10.07
C LEU A 7 -34.76 2.29 -8.86
N MSE A 8 -34.92 3.00 -7.74
CA MSE A 8 -35.43 2.39 -6.52
C MSE A 8 -36.22 3.39 -5.70
O MSE A 8 -35.96 4.59 -5.75
CB MSE A 8 -34.30 1.89 -5.64
CG MSE A 8 -33.42 0.77 -6.21
SE MSE A 8 -32.12 0.17 -4.87
CE MSE A 8 -33.15 -1.29 -4.13
N ASN A 9 -37.20 2.91 -4.95
CA ASN A 9 -37.98 3.77 -4.08
C ASN A 9 -37.73 3.24 -2.67
N ALA A 10 -38.18 3.95 -1.65
CA ALA A 10 -37.95 3.53 -0.26
C ALA A 10 -38.25 2.04 0.06
N PRO A 11 -39.46 1.55 -0.26
CA PRO A 11 -39.82 0.15 0.00
C PRO A 11 -38.84 -0.83 -0.63
N GLU A 12 -38.50 -0.58 -1.90
CA GLU A 12 -37.59 -1.44 -2.63
C GLU A 12 -36.21 -1.46 -1.97
N MSE A 13 -35.82 -0.34 -1.38
CA MSE A 13 -34.53 -0.24 -0.72
C MSE A 13 -34.51 -0.98 0.60
O MSE A 13 -33.55 -1.67 0.92
CB MSE A 13 -34.18 1.21 -0.48
CG MSE A 13 -33.84 1.94 -1.75
SE MSE A 13 -33.53 3.78 -1.37
CE MSE A 13 -32.39 3.63 0.22
N ARG A 14 -35.58 -0.81 1.37
CA ARG A 14 -35.68 -1.47 2.66
C ARG A 14 -35.58 -2.98 2.42
N ARG A 15 -36.33 -3.44 1.42
CA ARG A 15 -36.37 -4.84 1.04
C ARG A 15 -34.99 -5.34 0.65
N ALA A 16 -34.29 -4.59 -0.18
CA ALA A 16 -32.95 -4.96 -0.63
C ALA A 16 -31.99 -5.01 0.55
N LEU A 17 -32.05 -4.00 1.40
CA LEU A 17 -31.16 -3.96 2.56
C LEU A 17 -31.41 -5.12 3.52
N TYR A 18 -32.65 -5.61 3.59
CA TYR A 18 -32.92 -6.75 4.46
C TYR A 18 -32.28 -8.00 3.87
N ARG A 19 -32.39 -8.13 2.56
CA ARG A 19 -31.80 -9.27 1.89
C ARG A 19 -30.31 -9.25 2.13
N ILE A 20 -29.70 -8.07 1.98
CA ILE A 20 -28.27 -7.90 2.19
C ILE A 20 -27.92 -8.41 3.58
N ALA A 21 -28.68 -7.90 4.55
CA ALA A 21 -28.48 -8.24 5.95
C ALA A 21 -28.44 -9.75 6.13
N HIS A 22 -29.49 -10.41 5.64
CA HIS A 22 -29.56 -11.87 5.72
C HIS A 22 -28.39 -12.52 5.00
N GLU A 23 -28.17 -12.15 3.74
CA GLU A 23 -27.09 -12.75 2.99
C GLU A 23 -25.77 -12.65 3.71
N ILE A 24 -25.55 -11.53 4.39
CA ILE A 24 -24.31 -11.33 5.13
C ILE A 24 -24.20 -12.36 6.25
N VAL A 25 -25.22 -12.46 7.08
CA VAL A 25 -25.20 -13.41 8.18
C VAL A 25 -25.06 -14.85 7.67
N GLU A 26 -25.85 -15.20 6.67
CA GLU A 26 -25.77 -16.53 6.08
C GLU A 26 -24.33 -16.78 5.66
N ALA A 27 -23.71 -15.79 5.05
CA ALA A 27 -22.33 -15.94 4.62
C ALA A 27 -21.34 -16.14 5.78
N ASN A 28 -21.54 -15.40 6.87
CA ASN A 28 -20.63 -15.52 8.01
C ASN A 28 -21.07 -16.62 8.95
N LYS A 29 -22.12 -17.34 8.57
CA LYS A 29 -22.64 -18.43 9.37
C LYS A 29 -22.94 -17.92 10.78
N GLY A 30 -23.29 -16.64 10.88
CA GLY A 30 -23.59 -16.07 12.16
C GLY A 30 -23.11 -14.65 12.32
N THR A 31 -23.01 -14.20 13.56
CA THR A 31 -22.59 -12.86 13.90
C THR A 31 -21.16 -12.84 14.43
N GLU A 32 -20.61 -14.02 14.65
CA GLU A 32 -19.26 -14.14 15.19
C GLU A 32 -18.21 -13.30 14.44
N GLY A 33 -17.53 -12.43 15.18
CA GLY A 33 -16.49 -11.61 14.59
C GLY A 33 -16.91 -10.74 13.42
N LEU A 34 -18.22 -10.56 13.25
CA LEU A 34 -18.73 -9.75 12.17
C LEU A 34 -18.74 -8.26 12.48
N ALA A 35 -18.44 -7.45 11.48
CA ALA A 35 -18.44 -6.00 11.64
C ALA A 35 -18.58 -5.33 10.27
N LEU A 36 -19.28 -4.20 10.25
CA LEU A 36 -19.51 -3.45 9.03
C LEU A 36 -18.71 -2.15 9.03
N VAL A 37 -18.31 -1.70 7.85
CA VAL A 37 -17.57 -0.46 7.72
C VAL A 37 -18.19 0.28 6.57
N GLY A 38 -18.75 1.44 6.85
CA GLY A 38 -19.37 2.24 5.81
C GLY A 38 -18.37 3.16 5.15
N ILE A 39 -18.47 3.30 3.84
CA ILE A 39 -17.57 4.17 3.09
C ILE A 39 -18.39 5.04 2.14
N HIS A 40 -17.69 5.87 1.37
CA HIS A 40 -18.31 6.74 0.36
C HIS A 40 -19.55 7.51 0.83
N THR A 41 -19.48 8.11 2.02
CA THR A 41 -20.59 8.90 2.56
C THR A 41 -21.89 8.20 2.90
N ARG A 42 -22.74 7.96 1.91
CA ARG A 42 -24.03 7.30 2.17
C ARG A 42 -23.93 5.82 2.52
N GLY A 43 -22.72 5.29 2.45
CA GLY A 43 -22.48 3.91 2.81
C GLY A 43 -22.59 3.77 4.31
N ILE A 44 -22.24 4.84 5.04
CA ILE A 44 -22.32 4.85 6.50
C ILE A 44 -23.76 4.60 6.98
N PRO A 45 -24.71 5.43 6.52
CA PRO A 45 -26.11 5.26 6.93
C PRO A 45 -26.63 3.86 6.59
N LEU A 46 -26.23 3.38 5.43
CA LEU A 46 -26.65 2.07 4.95
C LEU A 46 -26.10 0.96 5.83
N ALA A 47 -24.86 1.12 6.29
CA ALA A 47 -24.25 0.13 7.17
C ALA A 47 -25.09 0.03 8.45
N HIS A 48 -25.36 1.19 9.05
CA HIS A 48 -26.14 1.27 10.27
C HIS A 48 -27.48 0.57 10.12
N ARG A 49 -28.12 0.78 8.97
CA ARG A 49 -29.41 0.15 8.73
C ARG A 49 -29.24 -1.36 8.67
N ILE A 50 -28.23 -1.80 7.94
CA ILE A 50 -27.97 -3.22 7.81
C ILE A 50 -27.73 -3.82 9.20
N ALA A 51 -27.04 -3.08 10.04
CA ALA A 51 -26.77 -3.54 11.39
C ALA A 51 -28.08 -3.61 12.18
N ARG A 52 -28.91 -2.59 12.00
CA ARG A 52 -30.19 -2.53 12.70
C ARG A 52 -31.00 -3.76 12.34
N PHE A 53 -31.04 -4.08 11.05
CA PHE A 53 -31.80 -5.24 10.60
C PHE A 53 -31.22 -6.57 11.11
N ILE A 54 -29.90 -6.69 11.12
CA ILE A 54 -29.28 -7.91 11.60
C ILE A 54 -29.68 -8.18 13.06
N ALA A 55 -29.52 -7.16 13.91
CA ALA A 55 -29.85 -7.27 15.32
C ALA A 55 -31.33 -7.60 15.48
N GLU A 56 -32.12 -7.10 14.54
CA GLU A 56 -33.56 -7.29 14.56
C GLU A 56 -34.00 -8.75 14.41
N PHE A 57 -33.23 -9.54 13.67
CA PHE A 57 -33.58 -10.94 13.47
C PHE A 57 -32.46 -11.87 13.91
N GLU A 58 -31.44 -11.32 14.54
CA GLU A 58 -30.32 -12.15 14.98
C GLU A 58 -30.14 -11.98 16.49
N GLY A 59 -30.56 -10.83 16.99
CA GLY A 59 -30.45 -10.55 18.40
C GLY A 59 -29.25 -9.69 18.72
N LYS A 60 -28.06 -10.27 18.63
CA LYS A 60 -26.83 -9.53 18.92
C LYS A 60 -26.61 -8.36 17.96
N GLU A 61 -25.84 -7.38 18.42
CA GLU A 61 -25.56 -6.18 17.64
C GLU A 61 -24.22 -6.27 16.92
N VAL A 62 -24.17 -5.75 15.71
CA VAL A 62 -22.94 -5.77 14.94
C VAL A 62 -22.32 -4.38 14.93
N PRO A 63 -21.02 -4.28 15.25
CA PRO A 63 -20.31 -3.00 15.27
C PRO A 63 -20.25 -2.39 13.88
N VAL A 64 -20.39 -1.08 13.79
CA VAL A 64 -20.33 -0.38 12.51
C VAL A 64 -19.23 0.68 12.53
N GLY A 65 -18.22 0.46 11.68
CA GLY A 65 -17.11 1.40 11.59
C GLY A 65 -17.32 2.38 10.45
N VAL A 66 -16.55 3.46 10.44
CA VAL A 66 -16.65 4.46 9.39
C VAL A 66 -15.30 4.76 8.76
N LEU A 67 -15.30 4.84 7.44
CA LEU A 67 -14.10 5.12 6.67
C LEU A 67 -14.62 5.93 5.50
N ASP A 68 -15.00 7.17 5.78
CA ASP A 68 -15.57 8.05 4.76
C ASP A 68 -14.53 8.46 3.73
N ILE A 69 -14.26 7.57 2.78
CA ILE A 69 -13.29 7.82 1.73
C ILE A 69 -14.00 8.08 0.40
N THR A 70 -13.47 9.02 -0.36
CA THR A 70 -14.01 9.39 -1.65
C THR A 70 -12.83 9.77 -2.56
N LEU A 71 -12.96 9.51 -3.85
CA LEU A 71 -11.89 9.83 -4.79
C LEU A 71 -12.27 11.03 -5.68
N PRO A 83 -8.80 10.72 -3.56
CA PRO A 83 -8.32 10.02 -2.36
C PRO A 83 -8.50 10.88 -1.10
N GLN A 84 -9.75 11.10 -0.70
CA GLN A 84 -10.03 11.92 0.48
C GLN A 84 -10.98 11.22 1.45
N VAL A 85 -10.85 11.54 2.72
CA VAL A 85 -11.70 10.96 3.78
C VAL A 85 -12.07 12.03 4.80
N ARG A 86 -13.37 12.22 5.03
CA ARG A 86 -13.84 13.24 5.98
C ARG A 86 -13.72 12.83 7.45
N GLU A 87 -13.84 11.54 7.73
CA GLU A 87 -13.74 11.03 9.09
C GLU A 87 -13.54 9.52 9.12
N THR A 88 -12.59 9.06 9.92
CA THR A 88 -12.35 7.64 10.03
C THR A 88 -12.54 7.19 11.48
N ARG A 89 -13.51 6.31 11.71
CA ARG A 89 -13.77 5.80 13.06
C ARG A 89 -13.94 4.29 13.06
N ILE A 90 -12.95 3.57 13.55
CA ILE A 90 -13.06 2.12 13.62
C ILE A 90 -12.79 1.71 15.05
N PRO A 91 -13.85 1.71 15.89
CA PRO A 91 -13.82 1.38 17.32
C PRO A 91 -13.49 -0.07 17.63
N PHE A 92 -12.78 -0.75 16.73
CA PHE A 92 -12.47 -2.13 17.00
C PHE A 92 -11.26 -2.63 16.23
N ASP A 93 -10.83 -3.83 16.59
CA ASP A 93 -9.68 -4.45 15.97
C ASP A 93 -10.16 -5.22 14.74
N LEU A 94 -9.65 -4.84 13.58
CA LEU A 94 -10.02 -5.47 12.33
C LEU A 94 -9.47 -6.90 12.22
N THR A 95 -8.37 -7.16 12.91
CA THR A 95 -7.72 -8.46 12.84
C THR A 95 -8.62 -9.66 13.18
N GLY A 96 -8.57 -10.67 12.31
CA GLY A 96 -9.36 -11.88 12.49
C GLY A 96 -10.86 -11.74 12.27
N LYS A 97 -11.34 -10.52 12.10
CA LYS A 97 -12.78 -10.32 11.93
C LYS A 97 -13.28 -10.49 10.51
N ALA A 98 -14.59 -10.67 10.40
CA ALA A 98 -15.25 -10.79 9.12
C ALA A 98 -15.78 -9.37 8.91
N ILE A 99 -15.12 -8.63 8.04
CA ILE A 99 -15.48 -7.25 7.77
C ILE A 99 -16.26 -7.03 6.48
N VAL A 100 -17.40 -6.36 6.59
CA VAL A 100 -18.21 -6.07 5.43
C VAL A 100 -18.19 -4.57 5.10
N LEU A 101 -17.55 -4.23 3.98
CA LEU A 101 -17.49 -2.85 3.48
C LEU A 101 -18.86 -2.55 2.89
N VAL A 102 -19.46 -1.45 3.31
CA VAL A 102 -20.77 -1.07 2.81
C VAL A 102 -20.64 0.20 1.97
N ASP A 103 -21.07 0.11 0.71
CA ASP A 103 -20.99 1.23 -0.23
C ASP A 103 -22.36 1.39 -0.88
N ASP A 104 -22.73 2.62 -1.20
CA ASP A 104 -24.02 2.86 -1.82
C ASP A 104 -24.02 2.48 -3.29
N VAL A 105 -22.94 2.81 -3.97
CA VAL A 105 -22.81 2.53 -5.39
C VAL A 105 -21.45 2.02 -5.83
N LEU A 106 -21.44 0.87 -6.49
CA LEU A 106 -20.21 0.30 -7.01
C LEU A 106 -20.11 0.73 -8.47
N TYR A 107 -19.03 1.42 -8.81
CA TYR A 107 -18.85 1.89 -10.19
C TYR A 107 -17.60 1.28 -10.82
N THR A 108 -16.53 2.05 -10.93
CA THR A 108 -15.29 1.54 -11.52
C THR A 108 -14.57 0.59 -10.57
N GLY A 109 -14.99 0.61 -9.31
CA GLY A 109 -14.38 -0.23 -8.31
C GLY A 109 -13.19 0.43 -7.63
N ARG A 110 -12.76 1.60 -8.13
CA ARG A 110 -11.61 2.28 -7.54
C ARG A 110 -11.83 2.76 -6.10
N THR A 111 -13.05 3.19 -5.79
CA THR A 111 -13.33 3.66 -4.45
C THR A 111 -13.26 2.45 -3.51
N ALA A 112 -13.96 1.38 -3.89
CA ALA A 112 -13.94 0.16 -3.11
C ALA A 112 -12.51 -0.32 -2.88
N ARG A 113 -11.71 -0.36 -3.95
CA ARG A 113 -10.32 -0.79 -3.85
C ARG A 113 -9.53 0.07 -2.88
N ALA A 114 -9.75 1.39 -2.93
CA ALA A 114 -9.05 2.31 -2.04
C ALA A 114 -9.43 2.00 -0.59
N ALA A 115 -10.70 1.69 -0.37
CA ALA A 115 -11.19 1.35 0.96
C ALA A 115 -10.53 0.05 1.42
N LEU A 116 -10.48 -0.91 0.51
CA LEU A 116 -9.87 -2.21 0.79
C LEU A 116 -8.42 -2.02 1.18
N ASP A 117 -7.73 -1.14 0.47
CA ASP A 117 -6.34 -0.86 0.75
C ASP A 117 -6.20 -0.34 2.17
N ALA A 118 -6.99 0.68 2.50
CA ALA A 118 -6.96 1.28 3.82
C ALA A 118 -7.22 0.26 4.96
N LEU A 119 -8.22 -0.60 4.79
CA LEU A 119 -8.53 -1.58 5.82
C LEU A 119 -7.31 -2.44 6.11
N ILE A 120 -6.74 -3.02 5.06
CA ILE A 120 -5.58 -3.87 5.19
C ILE A 120 -4.38 -3.19 5.84
N ASP A 121 -4.26 -1.88 5.70
CA ASP A 121 -3.15 -1.15 6.32
C ASP A 121 -3.42 -1.03 7.81
N LEU A 122 -4.65 -1.31 8.21
CA LEU A 122 -5.05 -1.21 9.61
C LEU A 122 -5.20 -2.54 10.35
N GLY A 123 -5.25 -3.64 9.62
CA GLY A 123 -5.40 -4.93 10.26
C GLY A 123 -5.54 -6.06 9.25
N ARG A 124 -5.67 -7.28 9.75
CA ARG A 124 -5.81 -8.43 8.86
C ARG A 124 -7.09 -9.19 9.12
N PRO A 125 -8.19 -8.74 8.52
CA PRO A 125 -9.48 -9.40 8.70
C PRO A 125 -9.40 -10.86 8.25
N ARG A 126 -10.26 -11.68 8.83
CA ARG A 126 -10.36 -13.10 8.48
C ARG A 126 -10.88 -13.12 7.03
N ARG A 127 -11.76 -12.16 6.77
CA ARG A 127 -12.35 -12.00 5.47
C ARG A 127 -12.89 -10.58 5.31
N ILE A 128 -13.05 -10.15 4.05
CA ILE A 128 -13.58 -8.83 3.74
C ILE A 128 -14.59 -8.95 2.62
N TYR A 129 -15.85 -8.63 2.92
CA TYR A 129 -16.89 -8.67 1.91
C TYR A 129 -17.13 -7.26 1.42
N LEU A 130 -17.87 -7.16 0.33
CA LEU A 130 -18.24 -5.88 -0.24
C LEU A 130 -19.73 -5.92 -0.52
N ALA A 131 -20.48 -5.08 0.20
CA ALA A 131 -21.93 -5.00 0.01
C ALA A 131 -22.25 -3.62 -0.57
N VAL A 132 -23.10 -3.59 -1.58
CA VAL A 132 -23.47 -2.33 -2.18
C VAL A 132 -24.95 -2.26 -2.52
N LEU A 133 -25.54 -1.09 -2.33
CA LEU A 133 -26.95 -0.93 -2.64
C LEU A 133 -27.15 -1.16 -4.14
N VAL A 134 -26.36 -0.46 -4.96
CA VAL A 134 -26.48 -0.65 -6.40
C VAL A 134 -25.12 -0.78 -7.08
N ASP A 135 -25.06 -1.67 -8.06
CA ASP A 135 -23.85 -1.87 -8.83
C ASP A 135 -24.21 -1.43 -10.25
N ARG A 136 -23.61 -0.31 -10.69
CA ARG A 136 -23.89 0.25 -12.01
C ARG A 136 -22.86 -0.17 -13.08
N GLY A 137 -22.14 -1.26 -12.81
CA GLY A 137 -21.16 -1.75 -13.77
C GLY A 137 -20.04 -0.79 -14.10
N HIS A 138 -19.30 -1.11 -15.17
CA HIS A 138 -18.17 -0.31 -15.65
C HIS A 138 -16.93 -0.42 -14.80
N ARG A 139 -16.61 -1.63 -14.38
CA ARG A 139 -15.43 -1.90 -13.57
C ARG A 139 -14.17 -1.55 -14.34
N GLU A 140 -13.15 -1.15 -13.60
CA GLU A 140 -11.88 -0.81 -14.19
C GLU A 140 -10.83 -1.57 -13.39
N LEU A 141 -11.33 -2.38 -12.45
CA LEU A 141 -10.50 -3.21 -11.57
C LEU A 141 -11.22 -4.53 -11.33
N PRO A 142 -10.47 -5.57 -10.93
CA PRO A 142 -11.04 -6.89 -10.67
C PRO A 142 -11.83 -6.98 -9.35
N ILE A 143 -12.52 -5.90 -8.99
CA ILE A 143 -13.30 -5.89 -7.76
C ILE A 143 -14.74 -6.24 -8.08
N ARG A 144 -15.44 -6.88 -7.15
CA ARG A 144 -16.84 -7.22 -7.36
C ARG A 144 -17.53 -7.20 -6.03
N ALA A 145 -18.83 -6.99 -6.03
CA ALA A 145 -19.58 -6.96 -4.79
C ALA A 145 -20.05 -8.36 -4.42
N ASP A 146 -19.91 -8.72 -3.15
CA ASP A 146 -20.36 -10.01 -2.67
C ASP A 146 -21.89 -9.94 -2.53
N PHE A 147 -22.38 -8.77 -2.13
CA PHE A 147 -23.80 -8.54 -1.93
C PHE A 147 -24.23 -7.30 -2.72
N VAL A 148 -25.34 -7.41 -3.42
CA VAL A 148 -25.81 -6.31 -4.23
C VAL A 148 -27.30 -6.09 -4.08
N GLY A 149 -27.69 -4.84 -3.83
CA GLY A 149 -29.10 -4.55 -3.70
C GLY A 149 -29.79 -4.70 -5.05
N LYS A 150 -29.25 -4.03 -6.07
CA LYS A 150 -29.80 -4.09 -7.43
C LYS A 150 -28.75 -3.82 -8.50
N ASN A 151 -28.76 -4.62 -9.57
CA ASN A 151 -27.81 -4.43 -10.67
C ASN A 151 -28.46 -3.46 -11.66
N VAL A 152 -27.77 -2.36 -11.93
CA VAL A 152 -28.29 -1.36 -12.83
C VAL A 152 -27.40 -1.13 -14.02
N PRO A 153 -27.80 -1.66 -15.17
CA PRO A 153 -27.04 -1.51 -16.41
C PRO A 153 -27.08 -0.03 -16.76
N THR A 154 -25.92 0.57 -16.94
CA THR A 154 -25.86 1.97 -17.29
C THR A 154 -24.96 2.23 -18.49
N SER A 155 -25.00 3.46 -18.98
CA SER A 155 -24.17 3.85 -20.11
C SER A 155 -23.10 4.74 -19.50
N ARG A 156 -21.96 4.85 -20.18
CA ARG A 156 -20.86 5.65 -19.69
C ARG A 156 -21.29 7.04 -19.21
N SER A 157 -22.19 7.67 -19.97
CA SER A 157 -22.64 9.03 -19.64
C SER A 157 -23.64 9.13 -18.51
N GLU A 158 -24.40 8.08 -18.24
CA GLU A 158 -25.37 8.13 -17.17
C GLU A 158 -24.69 8.26 -15.80
N VAL A 159 -25.51 8.60 -14.80
CA VAL A 159 -25.04 8.79 -13.43
C VAL A 159 -26.09 8.28 -12.44
N VAL A 160 -25.65 7.59 -11.40
CA VAL A 160 -26.60 7.08 -10.41
C VAL A 160 -26.51 7.94 -9.17
N LYS A 161 -27.66 8.41 -8.69
CA LYS A 161 -27.73 9.22 -7.49
C LYS A 161 -28.49 8.48 -6.41
N VAL A 162 -27.84 8.25 -5.28
CA VAL A 162 -28.49 7.56 -4.19
C VAL A 162 -28.87 8.58 -3.13
N LYS A 163 -30.14 8.59 -2.75
CA LYS A 163 -30.61 9.51 -1.73
C LYS A 163 -31.07 8.67 -0.55
N VAL A 164 -30.69 9.07 0.66
CA VAL A 164 -31.08 8.37 1.87
C VAL A 164 -31.53 9.37 2.93
N GLU A 165 -32.56 9.02 3.68
CA GLU A 165 -33.12 9.86 4.74
C GLU A 165 -32.08 10.63 5.55
N GLU A 166 -31.22 9.89 6.23
CA GLU A 166 -30.19 10.46 7.07
C GLU A 166 -29.36 11.55 6.43
N VAL A 167 -29.24 11.54 5.11
CA VAL A 167 -28.43 12.54 4.45
C VAL A 167 -29.19 13.45 3.49
N ASP A 168 -30.16 12.89 2.77
CA ASP A 168 -30.91 13.65 1.77
C ASP A 168 -32.37 13.90 2.12
N GLY A 169 -32.79 13.40 3.27
CA GLY A 169 -34.16 13.60 3.70
C GLY A 169 -35.15 12.70 2.98
N GLU A 170 -34.64 11.81 2.13
CA GLU A 170 -35.50 10.90 1.37
C GLU A 170 -34.74 9.67 0.86
N ASP A 171 -35.40 8.52 0.88
CA ASP A 171 -34.81 7.28 0.38
C ASP A 171 -35.19 7.07 -1.08
N ARG A 172 -34.23 7.24 -1.98
CA ARG A 172 -34.52 7.04 -3.38
C ARG A 172 -33.24 6.86 -4.20
N VAL A 173 -33.34 6.07 -5.26
CA VAL A 173 -32.21 5.84 -6.16
C VAL A 173 -32.65 6.34 -7.53
N GLU A 174 -31.92 7.32 -8.04
CA GLU A 174 -32.24 7.95 -9.32
C GLU A 174 -31.21 7.70 -10.40
N LEU A 175 -31.68 7.64 -11.64
CA LEU A 175 -30.81 7.47 -12.78
C LEU A 175 -30.83 8.78 -13.53
N TRP A 176 -29.65 9.33 -13.77
CA TRP A 176 -29.54 10.59 -14.49
C TRP A 176 -28.68 10.40 -15.72
N GLU A 177 -28.65 11.41 -16.59
CA GLU A 177 -27.86 11.32 -17.80
C GLU A 177 -27.49 12.69 -18.34
N ARG A 178 -26.34 12.76 -18.99
CA ARG A 178 -25.89 14.01 -19.55
C ARG A 178 -25.88 13.90 -21.07
N MSE B 1 -4.22 -41.10 0.53
CA MSE B 1 -4.94 -40.53 -0.66
C MSE B 1 -4.74 -39.03 -0.85
O MSE B 1 -5.50 -38.24 -0.30
CB MSE B 1 -6.46 -40.79 -0.54
CG MSE B 1 -7.30 -39.93 -1.51
SE MSE B 1 -8.87 -39.10 -0.68
CE MSE B 1 -8.03 -38.19 0.82
N ARG B 2 -3.74 -38.63 -1.63
CA ARG B 2 -3.55 -37.22 -1.89
C ARG B 2 -4.12 -36.88 -3.27
N PHE B 3 -3.87 -37.70 -4.29
CA PHE B 3 -4.43 -37.43 -5.63
C PHE B 3 -5.88 -37.88 -5.71
N LYS B 4 -6.74 -36.99 -6.20
CA LYS B 4 -8.14 -37.31 -6.30
C LYS B 4 -8.65 -37.44 -7.75
N ALA B 5 -8.32 -36.47 -8.62
CA ALA B 5 -8.80 -36.54 -9.99
C ALA B 5 -8.13 -35.54 -10.91
N GLU B 6 -8.26 -35.76 -12.22
CA GLU B 6 -7.69 -34.85 -13.18
C GLU B 6 -8.77 -33.84 -13.57
N LEU B 7 -8.49 -32.57 -13.31
CA LEU B 7 -9.42 -31.49 -13.58
C LEU B 7 -9.33 -31.02 -15.02
N MSE B 8 -8.12 -31.04 -15.58
CA MSE B 8 -7.87 -30.63 -16.96
C MSE B 8 -6.69 -31.39 -17.57
O MSE B 8 -5.76 -31.77 -16.87
CB MSE B 8 -7.54 -29.14 -17.03
CG MSE B 8 -8.66 -28.19 -16.65
SE MSE B 8 -8.17 -26.34 -16.91
CE MSE B 8 -8.88 -26.09 -18.68
N ASN B 9 -6.74 -31.60 -18.88
CA ASN B 9 -5.65 -32.26 -19.58
C ASN B 9 -5.12 -31.23 -20.59
N ALA B 10 -3.98 -31.50 -21.20
CA ALA B 10 -3.39 -30.57 -22.16
C ALA B 10 -4.34 -29.90 -23.18
N PRO B 11 -5.13 -30.71 -23.91
CA PRO B 11 -6.07 -30.18 -24.91
C PRO B 11 -7.08 -29.21 -24.32
N GLU B 12 -7.63 -29.60 -23.19
CA GLU B 12 -8.62 -28.77 -22.51
C GLU B 12 -8.02 -27.43 -22.09
N MSE B 13 -6.74 -27.44 -21.73
CA MSE B 13 -6.05 -26.24 -21.32
C MSE B 13 -5.79 -25.31 -22.49
O MSE B 13 -6.07 -24.12 -22.43
CB MSE B 13 -4.74 -26.61 -20.63
CG MSE B 13 -4.95 -27.30 -19.31
SE MSE B 13 -3.30 -27.98 -18.57
CE MSE B 13 -2.23 -26.33 -18.88
N ARG B 14 -5.25 -25.88 -23.57
CA ARG B 14 -4.97 -25.12 -24.78
C ARG B 14 -6.26 -24.42 -25.22
N ARG B 15 -7.34 -25.18 -25.22
CA ARG B 15 -8.66 -24.67 -25.61
C ARG B 15 -9.07 -23.50 -24.73
N ALA B 16 -8.91 -23.67 -23.42
CA ALA B 16 -9.29 -22.65 -22.47
C ALA B 16 -8.44 -21.40 -22.66
N LEU B 17 -7.13 -21.59 -22.78
CA LEU B 17 -6.24 -20.46 -22.97
C LEU B 17 -6.58 -19.68 -24.24
N TYR B 18 -7.08 -20.37 -25.27
CA TYR B 18 -7.43 -19.68 -26.51
C TYR B 18 -8.65 -18.81 -26.27
N ARG B 19 -9.63 -19.37 -25.56
CA ARG B 19 -10.84 -18.61 -25.27
C ARG B 19 -10.44 -17.39 -24.44
N ILE B 20 -9.57 -17.58 -23.46
CA ILE B 20 -9.10 -16.47 -22.63
C ILE B 20 -8.53 -15.40 -23.56
N ALA B 21 -7.59 -15.80 -24.41
CA ALA B 21 -6.95 -14.89 -25.37
C ALA B 21 -8.01 -14.05 -26.11
N HIS B 22 -8.95 -14.73 -26.75
CA HIS B 22 -10.01 -14.05 -27.46
C HIS B 22 -10.78 -13.11 -26.54
N GLU B 23 -11.31 -13.66 -25.46
CA GLU B 23 -12.07 -12.85 -24.52
C GLU B 23 -11.33 -11.58 -24.12
N ILE B 24 -10.02 -11.69 -23.95
CA ILE B 24 -9.21 -10.53 -23.58
C ILE B 24 -9.25 -9.47 -24.69
N VAL B 25 -8.97 -9.89 -25.91
CA VAL B 25 -8.97 -8.96 -27.03
C VAL B 25 -10.35 -8.35 -27.22
N GLU B 26 -11.38 -9.20 -27.19
CA GLU B 26 -12.74 -8.71 -27.34
C GLU B 26 -13.02 -7.64 -26.29
N ALA B 27 -12.53 -7.87 -25.07
CA ALA B 27 -12.72 -6.93 -23.97
C ALA B 27 -12.01 -5.61 -24.22
N ASN B 28 -10.76 -5.68 -24.68
CA ASN B 28 -10.01 -4.47 -24.95
C ASN B 28 -10.30 -3.89 -26.34
N LYS B 29 -11.28 -4.46 -27.03
CA LYS B 29 -11.64 -3.99 -28.36
C LYS B 29 -10.39 -3.91 -29.25
N GLY B 30 -9.41 -4.77 -29.00
CA GLY B 30 -8.21 -4.74 -29.79
C GLY B 30 -6.96 -5.02 -28.98
N THR B 31 -5.82 -4.68 -29.56
CA THR B 31 -4.52 -4.88 -28.93
C THR B 31 -3.95 -3.59 -28.39
N GLU B 32 -4.64 -2.48 -28.68
CA GLU B 32 -4.20 -1.15 -28.26
C GLU B 32 -3.87 -1.05 -26.76
N GLY B 33 -2.63 -0.67 -26.45
CA GLY B 33 -2.21 -0.52 -25.07
C GLY B 33 -2.40 -1.74 -24.17
N LEU B 34 -2.53 -2.91 -24.78
CA LEU B 34 -2.71 -4.15 -24.05
C LEU B 34 -1.38 -4.77 -23.63
N ALA B 35 -1.35 -5.32 -22.43
CA ALA B 35 -0.14 -5.98 -21.91
C ALA B 35 -0.54 -6.99 -20.83
N LEU B 36 0.22 -8.06 -20.73
CA LEU B 36 -0.05 -9.12 -19.76
C LEU B 36 1.05 -9.14 -18.74
N VAL B 37 0.68 -9.52 -17.52
CA VAL B 37 1.65 -9.64 -16.44
C VAL B 37 1.39 -10.97 -15.76
N GLY B 38 2.40 -11.83 -15.77
CA GLY B 38 2.26 -13.14 -15.17
C GLY B 38 2.70 -13.10 -13.73
N ILE B 39 1.95 -13.78 -12.86
CA ILE B 39 2.26 -13.82 -11.44
C ILE B 39 2.20 -15.27 -10.94
N HIS B 40 2.41 -15.45 -9.65
CA HIS B 40 2.33 -16.76 -9.00
C HIS B 40 3.05 -17.91 -9.74
N THR B 41 4.25 -17.63 -10.23
CA THR B 41 5.04 -18.63 -10.93
C THR B 41 4.51 -19.14 -12.27
N ARG B 42 3.60 -20.10 -12.25
CA ARG B 42 3.06 -20.67 -13.49
C ARG B 42 2.19 -19.73 -14.29
N GLY B 43 1.93 -18.55 -13.74
CA GLY B 43 1.14 -17.57 -14.45
C GLY B 43 1.99 -16.99 -15.58
N ILE B 44 3.29 -16.90 -15.33
CA ILE B 44 4.21 -16.39 -16.35
C ILE B 44 4.09 -17.19 -17.65
N PRO B 45 4.32 -18.52 -17.60
CA PRO B 45 4.22 -19.35 -18.82
C PRO B 45 2.86 -19.21 -19.49
N LEU B 46 1.81 -19.16 -18.68
CA LEU B 46 0.46 -19.01 -19.21
C LEU B 46 0.26 -17.66 -19.91
N ALA B 47 0.91 -16.62 -19.39
CA ALA B 47 0.80 -15.29 -20.00
C ALA B 47 1.43 -15.36 -21.39
N HIS B 48 2.65 -15.89 -21.44
CA HIS B 48 3.38 -16.04 -22.70
C HIS B 48 2.53 -16.77 -23.73
N ARG B 49 1.90 -17.86 -23.31
CA ARG B 49 1.06 -18.62 -24.23
C ARG B 49 -0.11 -17.77 -24.70
N ILE B 50 -0.73 -17.06 -23.77
CA ILE B 50 -1.87 -16.24 -24.14
C ILE B 50 -1.42 -15.22 -25.15
N ALA B 51 -0.21 -14.70 -24.97
CA ALA B 51 0.33 -13.71 -25.89
C ALA B 51 0.57 -14.35 -27.26
N ARG B 52 1.14 -15.56 -27.22
CA ARG B 52 1.42 -16.31 -28.44
C ARG B 52 0.13 -16.47 -29.24
N PHE B 53 -0.94 -16.88 -28.57
CA PHE B 53 -2.21 -17.08 -29.26
C PHE B 53 -2.82 -15.78 -29.78
N ILE B 54 -2.69 -14.69 -29.04
CA ILE B 54 -3.25 -13.41 -29.49
C ILE B 54 -2.57 -12.99 -30.80
N ALA B 55 -1.24 -13.03 -30.80
CA ALA B 55 -0.47 -12.63 -31.98
C ALA B 55 -0.84 -13.54 -33.15
N GLU B 56 -1.16 -14.78 -32.82
CA GLU B 56 -1.51 -15.77 -33.81
C GLU B 56 -2.79 -15.46 -34.58
N PHE B 57 -3.73 -14.76 -33.96
CA PHE B 57 -4.96 -14.45 -34.66
C PHE B 57 -5.25 -12.95 -34.67
N GLU B 58 -4.29 -12.17 -34.21
CA GLU B 58 -4.46 -10.73 -34.16
C GLU B 58 -3.36 -10.07 -34.96
N GLY B 59 -2.22 -10.75 -35.04
CA GLY B 59 -1.11 -10.21 -35.78
C GLY B 59 -0.06 -9.57 -34.89
N LYS B 60 -0.39 -8.42 -34.32
CA LYS B 60 0.54 -7.71 -33.43
C LYS B 60 0.87 -8.51 -32.18
N GLU B 61 2.03 -8.22 -31.60
CA GLU B 61 2.45 -8.91 -30.40
C GLU B 61 2.12 -8.11 -29.13
N VAL B 62 1.73 -8.81 -28.07
CA VAL B 62 1.40 -8.18 -26.79
C VAL B 62 2.56 -8.40 -25.81
N PRO B 63 3.02 -7.34 -25.15
CA PRO B 63 4.13 -7.44 -24.18
C PRO B 63 3.70 -8.25 -22.95
N VAL B 64 4.64 -9.03 -22.41
CA VAL B 64 4.36 -9.85 -21.25
C VAL B 64 5.33 -9.53 -20.12
N GLY B 65 4.78 -8.99 -19.04
CA GLY B 65 5.59 -8.64 -17.90
C GLY B 65 5.57 -9.77 -16.89
N VAL B 66 6.49 -9.70 -15.92
CA VAL B 66 6.60 -10.69 -14.86
C VAL B 66 6.61 -10.05 -13.48
N LEU B 67 5.81 -10.60 -12.59
CA LEU B 67 5.72 -10.14 -11.22
C LEU B 67 5.52 -11.43 -10.43
N ASP B 68 6.60 -12.21 -10.30
CA ASP B 68 6.53 -13.49 -9.61
C ASP B 68 6.36 -13.32 -8.12
N ILE B 69 5.12 -13.08 -7.71
CA ILE B 69 4.79 -12.87 -6.31
C ILE B 69 4.05 -14.09 -5.77
N THR B 70 4.34 -14.44 -4.53
CA THR B 70 3.71 -15.57 -3.86
C THR B 70 3.61 -15.24 -2.37
N LEU B 71 2.55 -15.72 -1.71
CA LEU B 71 2.37 -15.45 -0.29
C LEU B 71 2.66 -16.69 0.55
N PRO B 83 4.29 -13.01 1.23
CA PRO B 83 4.61 -11.81 0.45
C PRO B 83 6.03 -11.85 -0.13
N GLN B 84 6.26 -12.75 -1.08
CA GLN B 84 7.57 -12.90 -1.69
C GLN B 84 7.52 -12.89 -3.22
N VAL B 85 8.59 -12.41 -3.83
CA VAL B 85 8.69 -12.34 -5.29
C VAL B 85 10.10 -12.74 -5.72
N ARG B 86 10.19 -13.73 -6.63
CA ARG B 86 11.48 -14.21 -7.10
C ARG B 86 12.12 -13.33 -8.17
N GLU B 87 11.30 -12.67 -8.98
CA GLU B 87 11.79 -11.80 -10.02
C GLU B 87 10.69 -10.90 -10.58
N THR B 88 10.99 -9.62 -10.71
CA THR B 88 10.00 -8.68 -11.24
C THR B 88 10.59 -8.04 -12.48
N ARG B 89 9.90 -8.21 -13.61
CA ARG B 89 10.35 -7.63 -14.86
C ARG B 89 9.18 -7.01 -15.63
N ILE B 90 9.08 -5.70 -15.63
CA ILE B 90 8.02 -5.05 -16.38
C ILE B 90 8.66 -4.05 -17.34
N PRO B 91 9.06 -4.52 -18.54
CA PRO B 91 9.70 -3.77 -19.63
C PRO B 91 8.82 -2.69 -20.24
N PHE B 92 7.88 -2.17 -19.48
CA PHE B 92 7.04 -1.13 -20.03
C PHE B 92 6.36 -0.25 -18.99
N ASP B 93 5.73 0.82 -19.47
CA ASP B 93 5.04 1.76 -18.62
C ASP B 93 3.61 1.30 -18.45
N LEU B 94 3.25 0.99 -17.20
CA LEU B 94 1.92 0.52 -16.89
C LEU B 94 0.83 1.57 -17.07
N THR B 95 1.23 2.84 -16.95
CA THR B 95 0.30 3.97 -17.06
C THR B 95 -0.54 4.00 -18.35
N GLY B 96 -1.85 4.20 -18.18
CA GLY B 96 -2.76 4.26 -19.31
C GLY B 96 -3.02 2.94 -20.03
N LYS B 97 -2.23 1.91 -19.74
CA LYS B 97 -2.42 0.63 -20.43
C LYS B 97 -3.52 -0.23 -19.88
N ALA B 98 -3.93 -1.21 -20.69
CA ALA B 98 -4.93 -2.18 -20.29
C ALA B 98 -4.06 -3.39 -19.89
N ILE B 99 -3.94 -3.59 -18.58
CA ILE B 99 -3.11 -4.67 -18.05
C ILE B 99 -3.89 -5.90 -17.61
N VAL B 100 -3.43 -7.06 -18.06
CA VAL B 100 -4.09 -8.31 -17.71
C VAL B 100 -3.17 -9.16 -16.85
N LEU B 101 -3.56 -9.32 -15.58
CA LEU B 101 -2.83 -10.14 -14.62
C LEU B 101 -3.18 -11.57 -14.96
N VAL B 102 -2.17 -12.41 -15.11
CA VAL B 102 -2.40 -13.81 -15.46
C VAL B 102 -1.94 -14.68 -14.31
N ASP B 103 -2.88 -15.49 -13.80
CA ASP B 103 -2.63 -16.37 -12.68
C ASP B 103 -3.11 -17.77 -13.03
N ASP B 104 -2.43 -18.79 -12.52
CA ASP B 104 -2.84 -20.16 -12.81
C ASP B 104 -4.09 -20.52 -12.02
N VAL B 105 -4.09 -20.17 -10.73
CA VAL B 105 -5.21 -20.50 -9.84
C VAL B 105 -5.64 -19.38 -8.91
N LEU B 106 -6.93 -19.06 -8.96
CA LEU B 106 -7.51 -18.05 -8.10
C LEU B 106 -8.12 -18.76 -6.89
N TYR B 107 -7.62 -18.46 -5.71
CA TYR B 107 -8.11 -19.12 -4.49
C TYR B 107 -8.80 -18.09 -3.58
N THR B 108 -8.11 -17.69 -2.50
CA THR B 108 -8.67 -16.73 -1.56
C THR B 108 -8.68 -15.33 -2.13
N GLY B 109 -7.90 -15.14 -3.19
CA GLY B 109 -7.80 -13.86 -3.87
C GLY B 109 -6.72 -12.96 -3.30
N ARG B 110 -6.08 -13.42 -2.23
CA ARG B 110 -5.04 -12.64 -1.57
C ARG B 110 -3.79 -12.46 -2.41
N THR B 111 -3.45 -13.48 -3.19
CA THR B 111 -2.28 -13.38 -4.05
C THR B 111 -2.58 -12.37 -5.16
N ALA B 112 -3.76 -12.49 -5.76
CA ALA B 112 -4.19 -11.58 -6.81
C ALA B 112 -4.20 -10.16 -6.27
N ARG B 113 -4.78 -9.98 -5.09
CA ARG B 113 -4.84 -8.66 -4.47
C ARG B 113 -3.44 -8.08 -4.26
N ALA B 114 -2.53 -8.91 -3.77
CA ALA B 114 -1.18 -8.46 -3.54
C ALA B 114 -0.54 -7.99 -4.83
N ALA B 115 -0.82 -8.71 -5.91
CA ALA B 115 -0.28 -8.39 -7.22
C ALA B 115 -0.88 -7.06 -7.69
N LEU B 116 -2.18 -6.93 -7.47
CA LEU B 116 -2.90 -5.73 -7.85
C LEU B 116 -2.30 -4.52 -7.13
N ASP B 117 -1.97 -4.72 -5.86
CA ASP B 117 -1.39 -3.67 -5.04
C ASP B 117 -0.08 -3.22 -5.66
N ALA B 118 0.77 -4.20 -5.96
CA ALA B 118 2.08 -3.94 -6.54
C ALA B 118 1.98 -3.17 -7.87
N LEU B 119 1.11 -3.62 -8.77
CA LEU B 119 0.96 -2.94 -10.03
C LEU B 119 0.67 -1.47 -9.80
N ILE B 120 -0.37 -1.18 -9.04
CA ILE B 120 -0.76 0.19 -8.76
C ILE B 120 0.35 1.06 -8.13
N ASP B 121 1.29 0.45 -7.42
CA ASP B 121 2.39 1.20 -6.83
C ASP B 121 3.42 1.52 -7.91
N LEU B 122 3.24 0.94 -9.10
CA LEU B 122 4.16 1.14 -10.22
C LEU B 122 3.59 1.99 -11.37
N GLY B 123 2.29 2.23 -11.36
CA GLY B 123 1.72 3.01 -12.43
C GLY B 123 0.22 3.00 -12.36
N ARG B 124 -0.43 3.72 -13.26
CA ARG B 124 -1.88 3.79 -13.27
C ARG B 124 -2.48 3.28 -14.56
N PRO B 125 -2.71 1.96 -14.66
CA PRO B 125 -3.30 1.36 -15.86
C PRO B 125 -4.67 1.93 -16.15
N ARG B 126 -5.04 1.97 -17.41
CA ARG B 126 -6.36 2.45 -17.84
C ARG B 126 -7.35 1.47 -17.23
N ARG B 127 -6.93 0.21 -17.19
CA ARG B 127 -7.71 -0.87 -16.62
C ARG B 127 -6.80 -2.05 -16.27
N ILE B 128 -7.30 -2.90 -15.37
CA ILE B 128 -6.58 -4.08 -14.93
C ILE B 128 -7.54 -5.26 -14.88
N TYR B 129 -7.29 -6.26 -15.71
CA TYR B 129 -8.13 -7.45 -15.73
C TYR B 129 -7.42 -8.56 -14.97
N LEU B 130 -8.18 -9.59 -14.60
CA LEU B 130 -7.61 -10.73 -13.93
C LEU B 130 -8.00 -11.97 -14.73
N ALA B 131 -7.01 -12.67 -15.27
CA ALA B 131 -7.28 -13.88 -16.03
C ALA B 131 -6.65 -15.05 -15.29
N VAL B 132 -7.43 -16.12 -15.09
CA VAL B 132 -6.92 -17.29 -14.38
C VAL B 132 -7.33 -18.58 -15.08
N LEU B 133 -6.42 -19.54 -15.12
CA LEU B 133 -6.69 -20.84 -15.71
C LEU B 133 -7.83 -21.49 -14.94
N VAL B 134 -7.70 -21.57 -13.62
CA VAL B 134 -8.78 -22.15 -12.81
C VAL B 134 -9.08 -21.32 -11.57
N ASP B 135 -10.37 -21.24 -11.26
CA ASP B 135 -10.85 -20.52 -10.09
C ASP B 135 -11.47 -21.60 -9.20
N ARG B 136 -10.81 -21.89 -8.08
CA ARG B 136 -11.27 -22.91 -7.15
C ARG B 136 -12.13 -22.39 -6.00
N GLY B 137 -12.67 -21.17 -6.14
CA GLY B 137 -13.51 -20.60 -5.11
C GLY B 137 -12.84 -20.32 -3.77
N HIS B 138 -13.66 -20.04 -2.77
CA HIS B 138 -13.20 -19.74 -1.41
C HIS B 138 -12.54 -18.36 -1.26
N ARG B 139 -13.18 -17.34 -1.84
CA ARG B 139 -12.67 -15.97 -1.77
C ARG B 139 -12.65 -15.50 -0.33
N GLU B 140 -11.71 -14.62 -0.04
CA GLU B 140 -11.60 -14.03 1.29
C GLU B 140 -11.53 -12.54 1.10
N LEU B 141 -11.63 -12.11 -0.16
CA LEU B 141 -11.60 -10.72 -0.60
C LEU B 141 -12.55 -10.53 -1.77
N PRO B 142 -12.99 -9.28 -2.00
CA PRO B 142 -13.92 -8.95 -3.09
C PRO B 142 -13.26 -8.98 -4.49
N ILE B 143 -12.30 -9.88 -4.66
CA ILE B 143 -11.62 -10.00 -5.94
C ILE B 143 -12.33 -11.07 -6.76
N ARG B 144 -12.30 -10.93 -8.08
CA ARG B 144 -12.93 -11.88 -8.98
C ARG B 144 -12.16 -11.87 -10.27
N ALA B 145 -12.21 -12.97 -11.00
CA ALA B 145 -11.50 -13.05 -12.27
C ALA B 145 -12.42 -12.61 -13.40
N ASP B 146 -11.87 -11.81 -14.32
CA ASP B 146 -12.62 -11.33 -15.49
C ASP B 146 -12.68 -12.49 -16.50
N PHE B 147 -11.59 -13.26 -16.56
CA PHE B 147 -11.48 -14.39 -17.47
C PHE B 147 -11.08 -15.64 -16.71
N VAL B 148 -11.83 -16.73 -16.92
CA VAL B 148 -11.59 -17.97 -16.23
C VAL B 148 -11.54 -19.17 -17.16
N GLY B 149 -10.51 -19.98 -17.06
CA GLY B 149 -10.41 -21.17 -17.88
C GLY B 149 -11.47 -22.17 -17.48
N LYS B 150 -11.54 -22.48 -16.18
CA LYS B 150 -12.54 -23.42 -15.69
C LYS B 150 -12.86 -23.13 -14.22
N ASN B 151 -14.13 -23.23 -13.86
CA ASN B 151 -14.52 -23.02 -12.48
C ASN B 151 -14.52 -24.40 -11.83
N VAL B 152 -13.77 -24.54 -10.75
CA VAL B 152 -13.67 -25.81 -10.05
C VAL B 152 -14.12 -25.74 -8.61
N PRO B 153 -15.33 -26.22 -8.33
CA PRO B 153 -15.88 -26.21 -6.97
C PRO B 153 -15.00 -27.11 -6.11
N THR B 154 -14.48 -26.59 -5.01
CA THR B 154 -13.65 -27.39 -4.14
C THR B 154 -14.11 -27.33 -2.69
N SER B 155 -13.46 -28.15 -1.84
CA SER B 155 -13.77 -28.19 -0.42
C SER B 155 -12.56 -27.56 0.22
N ARG B 156 -12.73 -27.03 1.42
CA ARG B 156 -11.64 -26.38 2.12
C ARG B 156 -10.35 -27.20 2.14
N SER B 157 -10.49 -28.52 2.32
CA SER B 157 -9.33 -29.40 2.39
C SER B 157 -8.66 -29.78 1.08
N GLU B 158 -9.39 -29.67 -0.02
CA GLU B 158 -8.83 -30.00 -1.33
C GLU B 158 -7.78 -28.98 -1.77
N VAL B 159 -6.97 -29.36 -2.75
CA VAL B 159 -5.91 -28.52 -3.26
C VAL B 159 -5.84 -28.67 -4.78
N VAL B 160 -5.60 -27.58 -5.48
CA VAL B 160 -5.50 -27.66 -6.94
C VAL B 160 -4.05 -27.49 -7.34
N LYS B 161 -3.55 -28.44 -8.14
CA LYS B 161 -2.17 -28.37 -8.62
C LYS B 161 -2.19 -28.15 -10.13
N VAL B 162 -1.54 -27.10 -10.58
CA VAL B 162 -1.47 -26.82 -12.00
C VAL B 162 -0.07 -27.16 -12.47
N LYS B 163 0.00 -28.02 -13.48
CA LYS B 163 1.28 -28.40 -14.05
C LYS B 163 1.33 -27.87 -15.47
N VAL B 164 2.47 -27.31 -15.86
CA VAL B 164 2.63 -26.78 -17.22
C VAL B 164 4.00 -27.17 -17.75
N GLU B 165 4.05 -27.48 -19.05
CA GLU B 165 5.29 -27.90 -19.70
C GLU B 165 6.53 -27.15 -19.25
N GLU B 166 6.53 -25.84 -19.48
CA GLU B 166 7.66 -24.98 -19.16
C GLU B 166 8.21 -25.14 -17.74
N VAL B 167 7.36 -25.56 -16.81
CA VAL B 167 7.81 -25.72 -15.43
C VAL B 167 7.78 -27.13 -14.87
N ASP B 168 6.76 -27.90 -15.26
CA ASP B 168 6.60 -29.25 -14.75
C ASP B 168 6.84 -30.36 -15.77
N GLY B 169 7.11 -29.98 -17.03
CA GLY B 169 7.34 -30.96 -18.06
C GLY B 169 6.07 -31.57 -18.58
N GLU B 170 4.93 -31.10 -18.07
CA GLU B 170 3.61 -31.62 -18.49
C GLU B 170 2.45 -30.65 -18.25
N ASP B 171 1.50 -30.60 -19.18
CA ASP B 171 0.33 -29.74 -19.01
C ASP B 171 -0.80 -30.52 -18.38
N ARG B 172 -1.12 -30.23 -17.13
CA ARG B 172 -2.21 -30.92 -16.46
C ARG B 172 -2.67 -30.18 -15.22
N VAL B 173 -3.96 -30.29 -14.91
CA VAL B 173 -4.53 -29.68 -13.73
C VAL B 173 -5.10 -30.82 -12.90
N GLU B 174 -4.55 -30.97 -11.70
CA GLU B 174 -4.93 -32.04 -10.76
C GLU B 174 -5.65 -31.57 -9.51
N LEU B 175 -6.57 -32.40 -9.03
CA LEU B 175 -7.29 -32.11 -7.81
C LEU B 175 -6.75 -33.06 -6.78
N TRP B 176 -6.34 -32.52 -5.63
CA TRP B 176 -5.80 -33.33 -4.55
C TRP B 176 -6.60 -33.06 -3.30
N GLU B 177 -6.39 -33.87 -2.27
CA GLU B 177 -7.13 -33.68 -1.03
C GLU B 177 -6.36 -34.25 0.12
N ARG B 178 -6.59 -33.72 1.31
CA ARG B 178 -5.93 -34.23 2.49
C ARG B 178 -6.95 -34.81 3.46
N ARG C 2 17.71 -9.00 33.94
CA ARG C 2 16.91 -8.36 32.86
C ARG C 2 16.94 -6.83 33.00
N PHE C 3 16.31 -6.27 34.03
CA PHE C 3 16.33 -4.82 34.19
C PHE C 3 17.78 -4.33 34.24
N LYS C 4 18.09 -3.32 33.44
CA LYS C 4 19.45 -2.80 33.38
C LYS C 4 19.64 -1.39 33.92
N ALA C 5 18.77 -0.47 33.55
CA ALA C 5 18.90 0.91 34.03
C ALA C 5 17.72 1.80 33.67
N GLU C 6 17.58 2.90 34.40
CA GLU C 6 16.50 3.83 34.13
C GLU C 6 17.00 4.87 33.13
N LEU C 7 16.35 4.92 31.96
CA LEU C 7 16.70 5.84 30.89
C LEU C 7 16.09 7.22 31.11
N MSE C 8 14.88 7.25 31.66
CA MSE C 8 14.19 8.51 31.92
C MSE C 8 13.26 8.41 33.12
O MSE C 8 12.68 7.35 33.36
CB MSE C 8 13.34 8.93 30.72
CG MSE C 8 14.06 9.21 29.43
SE MSE C 8 12.73 9.86 28.12
CE MSE C 8 12.98 11.77 28.37
N ASN C 9 13.09 9.50 33.85
CA ASN C 9 12.16 9.52 34.96
C ASN C 9 11.07 10.51 34.59
N ALA C 10 10.03 10.62 35.40
CA ALA C 10 8.91 11.52 35.11
C ALA C 10 9.30 12.94 34.71
N PRO C 11 10.09 13.65 35.54
CA PRO C 11 10.50 15.02 35.23
C PRO C 11 11.19 15.15 33.88
N GLU C 12 12.10 14.21 33.62
CA GLU C 12 12.87 14.18 32.38
C GLU C 12 11.96 14.01 31.18
N MSE C 13 10.89 13.27 31.36
CA MSE C 13 9.94 13.04 30.29
C MSE C 13 9.09 14.27 30.03
O MSE C 13 8.90 14.66 28.88
CB MSE C 13 9.03 11.87 30.64
CG MSE C 13 9.73 10.53 30.60
SE MSE C 13 8.54 9.06 31.07
CE MSE C 13 6.91 9.61 30.15
N ARG C 14 8.58 14.86 31.11
CA ARG C 14 7.76 16.06 31.00
C ARG C 14 8.55 17.11 30.23
N ARG C 15 9.82 17.27 30.62
CA ARG C 15 10.71 18.24 30.00
C ARG C 15 10.88 17.95 28.52
N ALA C 16 11.10 16.69 28.18
CA ALA C 16 11.30 16.30 26.80
C ALA C 16 10.03 16.55 25.98
N LEU C 17 8.89 16.19 26.55
CA LEU C 17 7.63 16.38 25.85
C LEU C 17 7.32 17.86 25.60
N TYR C 18 7.79 18.73 26.50
CA TYR C 18 7.57 20.16 26.30
C TYR C 18 8.43 20.64 25.14
N ARG C 19 9.65 20.12 25.07
CA ARG C 19 10.55 20.51 24.00
C ARG C 19 9.94 20.04 22.69
N ILE C 20 9.45 18.80 22.67
CA ILE C 20 8.81 18.25 21.47
C ILE C 20 7.68 19.20 21.04
N ALA C 21 6.81 19.53 21.99
CA ALA C 21 5.69 20.42 21.75
C ALA C 21 6.13 21.70 21.05
N HIS C 22 7.14 22.35 21.62
CA HIS C 22 7.66 23.58 21.07
C HIS C 22 8.24 23.37 19.69
N GLU C 23 9.13 22.41 19.57
CA GLU C 23 9.75 22.11 18.30
C GLU C 23 8.72 21.89 17.22
N ILE C 24 7.61 21.24 17.55
CA ILE C 24 6.55 20.99 16.60
C ILE C 24 5.93 22.29 16.10
N VAL C 25 5.53 23.15 17.03
CA VAL C 25 4.93 24.43 16.67
C VAL C 25 5.91 25.27 15.88
N GLU C 26 7.14 25.34 16.36
CA GLU C 26 8.16 26.11 15.67
C GLU C 26 8.26 25.60 14.22
N ALA C 27 8.22 24.27 14.05
CA ALA C 27 8.31 23.68 12.73
C ALA C 27 7.11 24.04 11.85
N ASN C 28 5.92 24.05 12.42
CA ASN C 28 4.74 24.37 11.65
C ASN C 28 4.48 25.87 11.61
N LYS C 29 5.40 26.64 12.19
CA LYS C 29 5.25 28.09 12.22
C LYS C 29 3.89 28.44 12.80
N GLY C 30 3.41 27.62 13.72
CA GLY C 30 2.11 27.89 14.32
C GLY C 30 1.26 26.65 14.50
N THR C 31 -0.02 26.87 14.72
CA THR C 31 -0.98 25.80 14.96
C THR C 31 -1.84 25.50 13.73
N GLU C 32 -1.75 26.38 12.74
CA GLU C 32 -2.51 26.24 11.52
C GLU C 32 -2.45 24.84 10.91
N GLY C 33 -3.63 24.23 10.72
CA GLY C 33 -3.73 22.91 10.13
C GLY C 33 -2.91 21.81 10.80
N LEU C 34 -2.52 22.04 12.05
CA LEU C 34 -1.72 21.08 12.81
C LEU C 34 -2.59 20.05 13.53
N ALA C 35 -2.14 18.79 13.51
CA ALA C 35 -2.87 17.71 14.18
C ALA C 35 -1.90 16.59 14.51
N LEU C 36 -2.17 15.92 15.63
CA LEU C 36 -1.33 14.83 16.10
C LEU C 36 -2.07 13.51 15.96
N VAL C 37 -1.33 12.44 15.71
CA VAL C 37 -1.92 11.11 15.61
C VAL C 37 -1.04 10.19 16.44
N GLY C 38 -1.63 9.60 17.48
CA GLY C 38 -0.84 8.72 18.33
C GLY C 38 -0.90 7.31 17.80
N ILE C 39 0.22 6.59 17.90
CA ILE C 39 0.29 5.21 17.43
C ILE C 39 0.99 4.33 18.49
N HIS C 40 1.15 3.06 18.16
CA HIS C 40 1.84 2.11 19.03
C HIS C 40 1.43 2.15 20.51
N THR C 41 0.13 2.26 20.77
CA THR C 41 -0.40 2.27 22.15
C THR C 41 -0.05 3.48 23.03
N ARG C 42 1.14 3.49 23.61
CA ARG C 42 1.54 4.59 24.49
C ARG C 42 1.81 5.91 23.76
N GLY C 43 1.74 5.90 22.44
CA GLY C 43 1.93 7.11 21.67
C GLY C 43 0.69 7.97 21.79
N ILE C 44 -0.46 7.33 22.00
CA ILE C 44 -1.72 8.05 22.16
C ILE C 44 -1.66 8.97 23.38
N PRO C 45 -1.33 8.44 24.57
CA PRO C 45 -1.25 9.29 25.76
C PRO C 45 -0.25 10.42 25.54
N LEU C 46 0.90 10.08 24.97
CA LEU C 46 1.93 11.07 24.70
C LEU C 46 1.43 12.17 23.77
N ALA C 47 0.62 11.81 22.78
CA ALA C 47 0.09 12.81 21.86
C ALA C 47 -0.77 13.79 22.62
N HIS C 48 -1.66 13.24 23.44
CA HIS C 48 -2.58 14.05 24.25
C HIS C 48 -1.82 15.04 25.15
N ARG C 49 -0.72 14.58 25.74
CA ARG C 49 0.09 15.45 26.58
C ARG C 49 0.74 16.53 25.73
N ILE C 50 1.26 16.15 24.56
CA ILE C 50 1.87 17.14 23.70
C ILE C 50 0.85 18.22 23.34
N ALA C 51 -0.37 17.79 23.06
CA ALA C 51 -1.44 18.70 22.71
C ALA C 51 -1.77 19.59 23.90
N ARG C 52 -1.76 19.00 25.09
CA ARG C 52 -2.06 19.73 26.31
C ARG C 52 -1.04 20.84 26.47
N PHE C 53 0.23 20.52 26.28
CA PHE C 53 1.29 21.50 26.42
C PHE C 53 1.22 22.58 25.35
N ILE C 54 0.91 22.21 24.11
CA ILE C 54 0.82 23.20 23.04
C ILE C 54 -0.25 24.23 23.37
N ALA C 55 -1.43 23.76 23.75
CA ALA C 55 -2.54 24.65 24.09
C ALA C 55 -2.17 25.53 25.27
N GLU C 56 -1.33 24.99 26.13
CA GLU C 56 -0.89 25.67 27.32
C GLU C 56 -0.04 26.90 27.04
N PHE C 57 0.72 26.89 25.96
CA PHE C 57 1.55 28.04 25.64
C PHE C 57 1.25 28.64 24.26
N GLU C 58 0.23 28.09 23.61
CA GLU C 58 -0.13 28.57 22.28
C GLU C 58 -1.55 29.08 22.30
N GLY C 59 -2.36 28.55 23.21
CA GLY C 59 -3.74 28.99 23.29
C GLY C 59 -4.68 28.02 22.63
N LYS C 60 -4.65 27.97 21.30
CA LYS C 60 -5.53 27.08 20.55
C LYS C 60 -5.24 25.60 20.82
N GLU C 61 -6.25 24.77 20.60
CA GLU C 61 -6.14 23.35 20.82
C GLU C 61 -5.83 22.60 19.53
N VAL C 62 -4.98 21.59 19.64
CA VAL C 62 -4.61 20.77 18.49
C VAL C 62 -5.32 19.41 18.55
N PRO C 63 -6.01 19.02 17.48
CA PRO C 63 -6.74 17.74 17.42
C PRO C 63 -5.80 16.55 17.56
N VAL C 64 -6.23 15.53 18.29
CA VAL C 64 -5.42 14.34 18.45
C VAL C 64 -6.15 13.12 17.94
N GLY C 65 -5.59 12.50 16.91
CA GLY C 65 -6.17 11.30 16.35
C GLY C 65 -5.49 10.06 16.88
N VAL C 66 -6.11 8.91 16.67
CA VAL C 66 -5.58 7.64 17.13
C VAL C 66 -5.50 6.62 16.01
N LEU C 67 -4.38 5.92 15.95
CA LEU C 67 -4.14 4.88 14.95
C LEU C 67 -3.31 3.85 15.70
N ASP C 68 -3.96 3.14 16.60
CA ASP C 68 -3.27 2.15 17.44
C ASP C 68 -2.82 0.97 16.62
N ILE C 69 -1.71 1.14 15.94
CA ILE C 69 -1.14 0.07 15.11
C ILE C 69 0.09 -0.51 15.79
N THR C 70 0.26 -1.82 15.66
CA THR C 70 1.39 -2.54 16.24
C THR C 70 1.71 -3.71 15.30
N LEU C 71 2.98 -4.08 15.20
CA LEU C 71 3.39 -5.19 14.34
C LEU C 71 3.75 -6.44 15.16
N PRO C 83 1.15 -6.43 12.09
CA PRO C 83 0.25 -5.48 11.42
C PRO C 83 -1.16 -5.50 12.04
N GLN C 84 -1.27 -5.02 13.27
CA GLN C 84 -2.56 -5.01 13.96
C GLN C 84 -2.86 -3.64 14.58
N VAL C 85 -4.15 -3.31 14.67
CA VAL C 85 -4.60 -2.04 15.23
C VAL C 85 -5.82 -2.27 16.12
N ARG C 86 -5.76 -1.82 17.37
CA ARG C 86 -6.86 -2.01 18.31
C ARG C 86 -8.03 -1.03 18.13
N GLU C 87 -7.73 0.18 17.68
CA GLU C 87 -8.74 1.19 17.46
C GLU C 87 -8.20 2.34 16.61
N THR C 88 -8.96 2.76 15.61
CA THR C 88 -8.54 3.86 14.76
C THR C 88 -9.58 4.95 14.83
N ARG C 89 -9.18 6.12 15.30
CA ARG C 89 -10.10 7.26 15.38
C ARG C 89 -9.45 8.52 14.86
N ILE C 90 -9.85 8.97 13.70
CA ILE C 90 -9.31 10.21 13.16
C ILE C 90 -10.48 11.11 12.81
N PRO C 91 -10.95 11.87 13.81
CA PRO C 91 -12.07 12.82 13.74
C PRO C 91 -11.85 14.01 12.80
N PHE C 92 -10.97 13.87 11.82
CA PHE C 92 -10.73 14.98 10.93
C PHE C 92 -10.19 14.57 9.57
N ASP C 93 -10.12 15.54 8.66
CA ASP C 93 -9.63 15.32 7.32
C ASP C 93 -8.11 15.52 7.31
N LEU C 94 -7.39 14.46 6.96
CA LEU C 94 -5.94 14.51 6.92
C LEU C 94 -5.39 15.39 5.80
N THR C 95 -6.18 15.56 4.75
CA THR C 95 -5.76 16.32 3.61
C THR C 95 -5.35 17.78 3.87
N GLY C 96 -4.18 18.13 3.36
CA GLY C 96 -3.65 19.48 3.52
C GLY C 96 -3.12 19.82 4.89
N LYS C 97 -3.35 18.95 5.86
CA LYS C 97 -2.90 19.23 7.22
C LYS C 97 -1.45 18.88 7.50
N ALA C 98 -0.92 19.44 8.57
CA ALA C 98 0.43 19.15 9.00
C ALA C 98 0.17 18.09 10.09
N ILE C 99 0.48 16.84 9.78
CA ILE C 99 0.25 15.75 10.72
C ILE C 99 1.49 15.25 11.43
N VAL C 100 1.42 15.19 12.76
CA VAL C 100 2.54 14.70 13.55
C VAL C 100 2.22 13.35 14.17
N LEU C 101 2.91 12.33 13.70
CA LEU C 101 2.75 10.99 14.23
C LEU C 101 3.51 10.97 15.55
N VAL C 102 2.87 10.46 16.58
CA VAL C 102 3.51 10.40 17.89
C VAL C 102 3.69 8.93 18.29
N ASP C 103 4.95 8.57 18.53
CA ASP C 103 5.29 7.22 18.92
C ASP C 103 6.15 7.26 20.17
N ASP C 104 6.05 6.24 21.01
CA ASP C 104 6.85 6.22 22.23
C ASP C 104 8.29 5.86 21.92
N VAL C 105 8.47 4.84 21.09
CA VAL C 105 9.79 4.38 20.78
C VAL C 105 10.00 4.07 19.32
N LEU C 106 11.06 4.64 18.74
CA LEU C 106 11.39 4.39 17.35
C LEU C 106 12.49 3.34 17.34
N TYR C 107 12.22 2.20 16.72
CA TYR C 107 13.17 1.11 16.68
C TYR C 107 13.64 0.86 15.23
N THR C 108 13.15 -0.22 14.62
CA THR C 108 13.53 -0.54 13.26
C THR C 108 12.90 0.40 12.25
N GLY C 109 11.88 1.13 12.69
CA GLY C 109 11.20 2.06 11.81
C GLY C 109 10.01 1.43 11.10
N ARG C 110 9.88 0.11 11.21
CA ARG C 110 8.78 -0.58 10.55
C ARG C 110 7.40 -0.21 11.05
N THR C 111 7.26 0.06 12.35
CA THR C 111 5.97 0.44 12.90
C THR C 111 5.61 1.83 12.37
N ALA C 112 6.56 2.76 12.44
CA ALA C 112 6.36 4.11 11.95
C ALA C 112 6.00 4.06 10.47
N ARG C 113 6.74 3.28 9.70
CA ARG C 113 6.46 3.17 8.26
C ARG C 113 5.03 2.67 8.02
N ALA C 114 4.62 1.65 8.77
CA ALA C 114 3.27 1.10 8.62
C ALA C 114 2.23 2.16 8.91
N ALA C 115 2.52 3.01 9.90
CA ALA C 115 1.60 4.07 10.28
C ALA C 115 1.54 5.09 9.16
N LEU C 116 2.71 5.41 8.61
CA LEU C 116 2.83 6.37 7.53
C LEU C 116 2.01 5.87 6.35
N ASP C 117 2.11 4.57 6.07
CA ASP C 117 1.37 3.95 4.98
C ASP C 117 -0.12 4.15 5.19
N ALA C 118 -0.59 3.83 6.38
CA ALA C 118 -2.00 3.97 6.71
C ALA C 118 -2.52 5.38 6.57
N LEU C 119 -1.77 6.36 7.08
CA LEU C 119 -2.18 7.74 6.97
C LEU C 119 -2.41 8.12 5.51
N ILE C 120 -1.40 7.87 4.68
CA ILE C 120 -1.46 8.18 3.26
C ILE C 120 -2.63 7.51 2.51
N ASP C 121 -3.10 6.37 3.00
CA ASP C 121 -4.22 5.70 2.37
C ASP C 121 -5.52 6.40 2.79
N LEU C 122 -5.42 7.33 3.74
CA LEU C 122 -6.59 8.04 4.25
C LEU C 122 -6.67 9.51 3.84
N GLY C 123 -5.59 10.06 3.30
CA GLY C 123 -5.60 11.45 2.89
C GLY C 123 -4.22 11.91 2.46
N ARG C 124 -4.11 13.18 2.08
CA ARG C 124 -2.82 13.70 1.65
C ARG C 124 -2.40 14.90 2.48
N PRO C 125 -1.73 14.64 3.61
CA PRO C 125 -1.26 15.72 4.48
C PRO C 125 -0.31 16.67 3.72
N ARG C 126 -0.28 17.92 4.14
CA ARG C 126 0.62 18.92 3.57
C ARG C 126 2.02 18.42 3.94
N ARG C 127 2.11 17.87 5.14
CA ARG C 127 3.33 17.31 5.66
C ARG C 127 3.03 16.29 6.77
N ILE C 128 3.99 15.43 7.04
CA ILE C 128 3.89 14.43 8.07
C ILE C 128 5.18 14.34 8.85
N TYR C 129 5.13 14.70 10.13
CA TYR C 129 6.30 14.64 10.98
C TYR C 129 6.23 13.37 11.82
N LEU C 130 7.36 13.01 12.43
CA LEU C 130 7.43 11.84 13.29
C LEU C 130 8.07 12.28 14.60
N ALA C 131 7.28 12.27 15.67
CA ALA C 131 7.79 12.65 17.00
C ALA C 131 7.83 11.40 17.88
N VAL C 132 8.97 11.18 18.53
CA VAL C 132 9.11 10.01 19.41
C VAL C 132 9.80 10.34 20.73
N LEU C 133 9.31 9.74 21.80
CA LEU C 133 9.89 9.97 23.11
C LEU C 133 11.35 9.47 23.09
N VAL C 134 11.56 8.25 22.64
CA VAL C 134 12.93 7.75 22.58
C VAL C 134 13.19 7.01 21.28
N ASP C 135 14.40 7.21 20.76
CA ASP C 135 14.86 6.57 19.54
C ASP C 135 16.01 5.65 19.97
N ARG C 136 15.77 4.35 19.92
CA ARG C 136 16.79 3.38 20.32
C ARG C 136 17.62 2.83 19.18
N GLY C 137 17.64 3.53 18.04
CA GLY C 137 18.42 3.10 16.89
C GLY C 137 18.05 1.78 16.27
N HIS C 138 18.93 1.26 15.42
CA HIS C 138 18.72 0.00 14.72
C HIS C 138 17.68 0.06 13.61
N ARG C 139 17.73 1.11 12.79
CA ARG C 139 16.81 1.28 11.68
C ARG C 139 16.96 0.16 10.67
N GLU C 140 15.88 -0.17 9.99
CA GLU C 140 15.88 -1.19 8.96
C GLU C 140 15.20 -0.58 7.75
N LEU C 141 14.88 0.70 7.87
CA LEU C 141 14.22 1.49 6.84
C LEU C 141 14.75 2.92 6.91
N PRO C 142 14.63 3.67 5.80
CA PRO C 142 15.10 5.07 5.74
C PRO C 142 14.18 6.04 6.48
N ILE C 143 13.58 5.60 7.58
CA ILE C 143 12.69 6.44 8.37
C ILE C 143 13.51 7.10 9.49
N ARG C 144 13.16 8.33 9.85
CA ARG C 144 13.85 9.02 10.93
C ARG C 144 12.86 9.89 11.66
N ALA C 145 13.14 10.20 12.91
CA ALA C 145 12.23 11.03 13.68
C ALA C 145 12.59 12.49 13.53
N ASP C 146 11.58 13.34 13.30
CA ASP C 146 11.82 14.76 13.18
C ASP C 146 12.07 15.33 14.57
N PHE C 147 11.35 14.79 15.56
CA PHE C 147 11.46 15.23 16.96
C PHE C 147 11.78 14.02 17.82
N VAL C 148 12.74 14.17 18.71
CA VAL C 148 13.14 13.06 19.57
C VAL C 148 13.31 13.51 21.01
N GLY C 149 12.69 12.78 21.93
CA GLY C 149 12.83 13.11 23.33
C GLY C 149 14.26 12.85 23.77
N LYS C 150 14.74 11.63 23.55
CA LYS C 150 16.10 11.23 23.93
C LYS C 150 16.66 10.11 23.03
N ASN C 151 17.92 10.23 22.61
CA ASN C 151 18.54 9.21 21.79
C ASN C 151 19.20 8.21 22.72
N VAL C 152 18.79 6.95 22.59
CA VAL C 152 19.32 5.90 23.45
C VAL C 152 20.06 4.80 22.70
N PRO C 153 21.40 4.83 22.73
CA PRO C 153 22.20 3.82 22.05
C PRO C 153 21.92 2.49 22.73
N THR C 154 21.53 1.49 21.94
CA THR C 154 21.26 0.19 22.51
C THR C 154 21.97 -0.89 21.73
N SER C 155 21.93 -2.10 22.27
CA SER C 155 22.53 -3.25 21.63
C SER C 155 21.36 -4.05 21.09
N ARG C 156 21.60 -4.89 20.08
CA ARG C 156 20.53 -5.67 19.49
C ARG C 156 19.67 -6.42 20.52
N SER C 157 20.32 -6.99 21.54
CA SER C 157 19.61 -7.75 22.57
C SER C 157 18.82 -6.91 23.58
N GLU C 158 19.23 -5.67 23.81
CA GLU C 158 18.53 -4.82 24.77
C GLU C 158 17.11 -4.52 24.34
N VAL C 159 16.31 -4.00 25.27
CA VAL C 159 14.91 -3.67 25.03
C VAL C 159 14.53 -2.40 25.79
N VAL C 160 13.75 -1.53 25.16
CA VAL C 160 13.34 -0.32 25.85
C VAL C 160 11.89 -0.45 26.25
N LYS C 161 11.61 -0.16 27.51
CA LYS C 161 10.23 -0.22 28.01
C LYS C 161 9.81 1.18 28.43
N VAL C 162 8.73 1.66 27.83
CA VAL C 162 8.22 2.97 28.17
C VAL C 162 6.98 2.79 29.01
N LYS C 163 6.98 3.41 30.18
CA LYS C 163 5.83 3.36 31.07
C LYS C 163 5.26 4.77 31.20
N VAL C 164 3.94 4.89 31.09
CA VAL C 164 3.26 6.17 31.23
C VAL C 164 2.05 6.05 32.15
N GLU C 165 1.82 7.07 32.97
CA GLU C 165 0.71 7.09 33.92
C GLU C 165 -0.59 6.49 33.38
N GLU C 166 -1.11 7.08 32.32
CA GLU C 166 -2.36 6.66 31.72
C GLU C 166 -2.47 5.17 31.41
N VAL C 167 -1.35 4.50 31.23
CA VAL C 167 -1.39 3.08 30.91
C VAL C 167 -0.71 2.19 31.94
N ASP C 168 0.42 2.64 32.47
CA ASP C 168 1.18 1.83 33.41
C ASP C 168 1.13 2.32 34.86
N GLY C 169 0.46 3.44 35.08
CA GLY C 169 0.36 4.00 36.42
C GLY C 169 1.62 4.72 36.87
N GLU C 170 2.60 4.83 35.98
CA GLU C 170 3.86 5.49 36.28
C GLU C 170 4.59 5.96 35.03
N ASP C 171 5.23 7.13 35.09
CA ASP C 171 6.00 7.65 33.97
C ASP C 171 7.45 7.25 34.14
N ARG C 172 7.92 6.32 33.31
CA ARG C 172 9.30 5.91 33.40
C ARG C 172 9.77 5.23 32.13
N VAL C 173 11.05 5.41 31.78
CA VAL C 173 11.61 4.75 30.61
C VAL C 173 12.73 3.86 31.12
N GLU C 174 12.57 2.56 30.89
CA GLU C 174 13.51 1.56 31.35
C GLU C 174 14.29 0.86 30.27
N LEU C 175 15.55 0.53 30.57
CA LEU C 175 16.39 -0.20 29.64
C LEU C 175 16.56 -1.60 30.20
N TRP C 176 16.20 -2.59 29.39
CA TRP C 176 16.31 -3.99 29.79
C TRP C 176 17.25 -4.73 28.86
N GLU C 177 17.57 -5.96 29.21
CA GLU C 177 18.46 -6.76 28.38
C GLU C 177 18.27 -8.25 28.62
N ARG C 178 18.48 -9.04 27.57
CA ARG C 178 18.35 -10.47 27.70
C ARG C 178 19.73 -11.12 27.55
N ARG D 2 17.74 29.72 -16.42
CA ARG D 2 17.62 30.01 -14.96
C ARG D 2 18.70 29.26 -14.17
N PHE D 3 19.95 29.43 -14.59
CA PHE D 3 21.11 28.78 -13.97
C PHE D 3 21.73 29.66 -12.88
N LYS D 4 22.05 29.05 -11.73
CA LYS D 4 22.63 29.82 -10.63
C LYS D 4 24.07 29.44 -10.30
N ALA D 5 24.38 28.14 -10.21
CA ALA D 5 25.75 27.73 -9.90
C ALA D 5 25.98 26.24 -10.04
N GLU D 6 27.24 25.84 -10.15
CA GLU D 6 27.60 24.43 -10.24
C GLU D 6 27.80 23.86 -8.83
N LEU D 7 26.97 22.89 -8.47
CA LEU D 7 27.05 22.26 -7.15
C LEU D 7 28.12 21.18 -7.10
N MSE D 8 28.28 20.45 -8.19
CA MSE D 8 29.29 19.40 -8.27
C MSE D 8 29.83 19.23 -9.69
O MSE D 8 29.12 19.50 -10.67
CB MSE D 8 28.69 18.05 -7.84
CG MSE D 8 28.22 17.95 -6.38
SE MSE D 8 27.61 16.16 -5.91
CE MSE D 8 29.29 15.39 -5.33
N ASN D 9 31.08 18.79 -9.81
CA ASN D 9 31.68 18.55 -11.11
C ASN D 9 32.01 17.06 -11.13
N ALA D 10 32.36 16.52 -12.29
CA ALA D 10 32.67 15.09 -12.43
C ALA D 10 33.57 14.47 -11.32
N PRO D 11 34.74 15.06 -11.06
CA PRO D 11 35.66 14.56 -10.03
C PRO D 11 35.02 14.48 -8.65
N GLU D 12 34.32 15.54 -8.29
CA GLU D 12 33.64 15.64 -7.00
C GLU D 12 32.58 14.57 -6.85
N MSE D 13 31.97 14.20 -7.98
CA MSE D 13 30.94 13.19 -7.98
C MSE D 13 31.55 11.80 -7.85
O MSE D 13 31.08 10.99 -7.08
CB MSE D 13 30.13 13.27 -9.27
CG MSE D 13 29.28 14.53 -9.34
SE MSE D 13 28.44 14.67 -11.04
CE MSE D 13 27.82 12.81 -11.26
N ARG D 14 32.61 11.54 -8.62
CA ARG D 14 33.28 10.25 -8.57
C ARG D 14 33.72 9.97 -7.13
N ARG D 15 34.28 11.00 -6.52
CA ARG D 15 34.77 10.96 -5.16
C ARG D 15 33.63 10.64 -4.18
N ALA D 16 32.51 11.34 -4.35
CA ALA D 16 31.35 11.13 -3.48
C ALA D 16 30.82 9.73 -3.64
N LEU D 17 30.68 9.29 -4.89
CA LEU D 17 30.17 7.96 -5.18
C LEU D 17 31.08 6.87 -4.60
N TYR D 18 32.38 7.14 -4.50
CA TYR D 18 33.30 6.15 -3.93
C TYR D 18 33.06 6.04 -2.44
N ARG D 19 32.88 7.19 -1.80
CA ARG D 19 32.62 7.21 -0.37
C ARG D 19 31.30 6.46 -0.13
N ILE D 20 30.28 6.75 -0.93
CA ILE D 20 28.99 6.08 -0.79
C ILE D 20 29.25 4.57 -0.79
N ALA D 21 29.89 4.11 -1.86
CA ALA D 21 30.23 2.69 -2.06
C ALA D 21 30.83 2.10 -0.78
N HIS D 22 31.89 2.73 -0.28
CA HIS D 22 32.54 2.27 0.94
C HIS D 22 31.56 2.27 2.10
N GLU D 23 30.96 3.42 2.39
CA GLU D 23 30.02 3.51 3.49
C GLU D 23 28.96 2.41 3.42
N ILE D 24 28.53 2.05 2.21
CA ILE D 24 27.53 1.00 2.06
C ILE D 24 28.06 -0.34 2.54
N VAL D 25 29.25 -0.70 2.06
CA VAL D 25 29.86 -1.97 2.45
C VAL D 25 30.14 -1.98 3.95
N GLU D 26 30.72 -0.91 4.46
CA GLU D 26 31.02 -0.82 5.88
C GLU D 26 29.73 -1.07 6.65
N ALA D 27 28.64 -0.48 6.18
CA ALA D 27 27.34 -0.64 6.83
C ALA D 27 26.85 -2.09 6.81
N ASN D 28 26.99 -2.75 5.67
CA ASN D 28 26.54 -4.13 5.56
C ASN D 28 27.60 -5.11 6.02
N LYS D 29 28.70 -4.59 6.57
CA LYS D 29 29.78 -5.44 7.06
C LYS D 29 30.22 -6.42 5.97
N GLY D 30 30.09 -6.00 4.71
CA GLY D 30 30.47 -6.87 3.63
C GLY D 30 29.53 -6.79 2.44
N THR D 31 29.60 -7.80 1.59
CA THR D 31 28.79 -7.87 0.37
C THR D 31 27.63 -8.86 0.50
N GLU D 32 27.64 -9.62 1.59
CA GLU D 32 26.63 -10.62 1.85
C GLU D 32 25.22 -10.10 1.68
N GLY D 33 24.45 -10.76 0.80
CA GLY D 33 23.06 -10.38 0.55
C GLY D 33 22.82 -8.93 0.17
N LEU D 34 23.86 -8.24 -0.27
CA LEU D 34 23.75 -6.85 -0.65
C LEU D 34 23.26 -6.71 -2.09
N ALA D 35 22.48 -5.66 -2.33
CA ALA D 35 21.96 -5.38 -3.67
C ALA D 35 21.50 -3.93 -3.73
N LEU D 36 21.65 -3.32 -4.90
CA LEU D 36 21.23 -1.93 -5.09
C LEU D 36 20.04 -1.87 -6.03
N VAL D 37 19.23 -0.83 -5.89
CA VAL D 37 18.07 -0.66 -6.76
C VAL D 37 18.04 0.80 -7.10
N GLY D 38 18.18 1.10 -8.38
CA GLY D 38 18.19 2.47 -8.82
C GLY D 38 16.78 2.94 -9.10
N ILE D 39 16.50 4.19 -8.77
CA ILE D 39 15.18 4.77 -9.00
C ILE D 39 15.33 6.16 -9.59
N HIS D 40 14.20 6.83 -9.81
CA HIS D 40 14.17 8.19 -10.32
C HIS D 40 15.08 8.45 -11.52
N THR D 41 15.10 7.52 -12.48
CA THR D 41 15.89 7.68 -13.71
C THR D 41 17.42 7.66 -13.56
N ARG D 42 18.02 8.79 -13.17
CA ARG D 42 19.48 8.87 -13.03
C ARG D 42 20.05 8.09 -11.84
N GLY D 43 19.16 7.55 -11.02
CA GLY D 43 19.59 6.73 -9.90
C GLY D 43 20.17 5.43 -10.45
N ILE D 44 19.57 4.93 -11.54
CA ILE D 44 20.02 3.69 -12.17
C ILE D 44 21.51 3.76 -12.53
N PRO D 45 21.91 4.76 -13.32
CA PRO D 45 23.32 4.85 -13.69
C PRO D 45 24.20 4.96 -12.45
N LEU D 46 23.72 5.72 -11.47
CA LEU D 46 24.49 5.89 -10.25
C LEU D 46 24.65 4.56 -9.48
N ALA D 47 23.61 3.74 -9.49
CA ALA D 47 23.67 2.45 -8.82
C ALA D 47 24.77 1.62 -9.45
N HIS D 48 24.70 1.49 -10.77
CA HIS D 48 25.70 0.73 -11.54
C HIS D 48 27.11 1.19 -11.23
N ARG D 49 27.31 2.51 -11.14
CA ARG D 49 28.64 3.00 -10.81
C ARG D 49 29.03 2.57 -9.42
N ILE D 50 28.11 2.72 -8.47
CA ILE D 50 28.40 2.35 -7.11
C ILE D 50 28.76 0.86 -7.06
N ALA D 51 28.09 0.05 -7.88
CA ALA D 51 28.35 -1.39 -7.92
C ALA D 51 29.74 -1.62 -8.52
N ARG D 52 30.06 -0.85 -9.55
CA ARG D 52 31.34 -0.94 -10.23
C ARG D 52 32.45 -0.69 -9.21
N PHE D 53 32.29 0.36 -8.43
CA PHE D 53 33.29 0.71 -7.44
C PHE D 53 33.40 -0.34 -6.32
N ILE D 54 32.28 -0.89 -5.87
CA ILE D 54 32.32 -1.90 -4.82
C ILE D 54 33.13 -3.10 -5.27
N ALA D 55 32.78 -3.64 -6.43
CA ALA D 55 33.48 -4.80 -7.00
C ALA D 55 34.96 -4.48 -7.18
N GLU D 56 35.24 -3.21 -7.42
CA GLU D 56 36.60 -2.75 -7.65
C GLU D 56 37.50 -2.87 -6.44
N PHE D 57 36.94 -2.70 -5.24
CA PHE D 57 37.74 -2.81 -4.03
C PHE D 57 37.23 -3.89 -3.08
N GLU D 58 36.25 -4.65 -3.54
CA GLU D 58 35.66 -5.70 -2.70
C GLU D 58 35.82 -7.04 -3.41
N GLY D 59 35.89 -6.99 -4.73
CA GLY D 59 36.05 -8.21 -5.49
C GLY D 59 34.73 -8.69 -6.06
N LYS D 60 33.87 -9.22 -5.19
CA LYS D 60 32.57 -9.72 -5.64
C LYS D 60 31.68 -8.62 -6.25
N GLU D 61 30.73 -9.04 -7.08
CA GLU D 61 29.84 -8.11 -7.75
C GLU D 61 28.50 -8.02 -7.04
N VAL D 62 27.95 -6.80 -6.97
CA VAL D 62 26.67 -6.58 -6.33
C VAL D 62 25.60 -6.39 -7.40
N PRO D 63 24.47 -7.11 -7.29
CA PRO D 63 23.37 -7.02 -8.25
C PRO D 63 22.72 -5.64 -8.22
N VAL D 64 22.34 -5.15 -9.38
CA VAL D 64 21.71 -3.84 -9.47
C VAL D 64 20.33 -3.96 -10.11
N GLY D 65 19.30 -3.65 -9.32
CA GLY D 65 17.94 -3.69 -9.81
C GLY D 65 17.48 -2.31 -10.25
N VAL D 66 16.37 -2.27 -10.99
CA VAL D 66 15.82 -1.03 -11.49
C VAL D 66 14.35 -0.91 -11.14
N LEU D 67 13.97 0.26 -10.69
CA LEU D 67 12.61 0.57 -10.32
C LEU D 67 12.48 2.03 -10.70
N ASP D 68 12.41 2.28 -12.01
CA ASP D 68 12.32 3.65 -12.52
C ASP D 68 10.97 4.28 -12.18
N ILE D 69 10.84 4.79 -10.97
CA ILE D 69 9.61 5.40 -10.53
C ILE D 69 9.79 6.92 -10.42
N THR D 70 8.76 7.66 -10.80
CA THR D 70 8.80 9.11 -10.74
C THR D 70 7.38 9.59 -10.42
N LEU D 71 7.27 10.70 -9.70
CA LEU D 71 5.97 11.24 -9.34
C LEU D 71 5.63 12.49 -10.15
N PRO D 83 3.16 9.25 -9.83
CA PRO D 83 3.30 7.81 -9.55
C PRO D 83 3.45 7.00 -10.85
N GLN D 84 4.59 7.18 -11.52
CA GLN D 84 4.84 6.49 -12.77
C GLN D 84 6.20 5.80 -12.80
N VAL D 85 6.28 4.71 -13.56
CA VAL D 85 7.50 3.93 -13.69
C VAL D 85 7.66 3.48 -15.15
N ARG D 86 8.82 3.78 -15.74
CA ARG D 86 9.11 3.43 -17.13
C ARG D 86 9.53 1.98 -17.34
N GLU D 87 10.20 1.41 -16.34
CA GLU D 87 10.65 0.03 -16.40
C GLU D 87 11.06 -0.49 -15.02
N THR D 88 10.60 -1.69 -14.69
CA THR D 88 10.94 -2.28 -13.41
C THR D 88 11.63 -3.61 -13.66
N ARG D 89 12.87 -3.73 -13.21
CA ARG D 89 13.62 -4.96 -13.38
C ARG D 89 14.35 -5.33 -12.10
N ILE D 90 13.88 -6.36 -11.40
CA ILE D 90 14.55 -6.80 -10.19
C ILE D 90 14.82 -8.29 -10.33
N PRO D 91 15.96 -8.63 -10.95
CA PRO D 91 16.45 -9.98 -11.21
C PRO D 91 16.79 -10.80 -9.98
N PHE D 92 16.18 -10.47 -8.85
CA PHE D 92 16.47 -11.22 -7.65
C PHE D 92 15.37 -11.17 -6.59
N ASP D 93 15.54 -11.96 -5.54
CA ASP D 93 14.59 -12.04 -4.45
C ASP D 93 15.00 -11.01 -3.42
N LEU D 94 14.11 -10.05 -3.18
CA LEU D 94 14.37 -8.98 -2.21
C LEU D 94 14.40 -9.48 -0.76
N THR D 95 13.67 -10.56 -0.50
CA THR D 95 13.58 -11.13 0.84
C THR D 95 14.93 -11.44 1.51
N GLY D 96 15.05 -11.00 2.76
CA GLY D 96 16.26 -11.22 3.54
C GLY D 96 17.50 -10.45 3.11
N LYS D 97 17.41 -9.76 1.97
CA LYS D 97 18.57 -9.02 1.49
C LYS D 97 18.73 -7.62 2.05
N ALA D 98 19.94 -7.09 1.95
CA ALA D 98 20.23 -5.73 2.39
C ALA D 98 20.13 -4.94 1.10
N ILE D 99 19.03 -4.22 0.93
CA ILE D 99 18.77 -3.45 -0.26
C ILE D 99 19.07 -1.95 -0.13
N VAL D 100 19.85 -1.44 -1.08
CA VAL D 100 20.19 -0.02 -1.09
C VAL D 100 19.51 0.69 -2.26
N LEU D 101 18.56 1.57 -1.92
CA LEU D 101 17.85 2.37 -2.91
C LEU D 101 18.82 3.47 -3.30
N VAL D 102 18.98 3.65 -4.60
CA VAL D 102 19.89 4.69 -5.11
C VAL D 102 19.08 5.75 -5.86
N ASP D 103 19.19 6.98 -5.37
CA ASP D 103 18.48 8.09 -5.97
C ASP D 103 19.48 9.22 -6.20
N ASP D 104 19.27 9.99 -7.27
CA ASP D 104 20.18 11.10 -7.56
C ASP D 104 19.94 12.25 -6.60
N VAL D 105 18.67 12.59 -6.40
CA VAL D 105 18.33 13.71 -5.52
C VAL D 105 17.17 13.44 -4.57
N LEU D 106 17.43 13.70 -3.28
CA LEU D 106 16.42 13.54 -2.24
C LEU D 106 15.80 14.91 -2.00
N TYR D 107 14.50 15.03 -2.25
CA TYR D 107 13.82 16.31 -2.07
C TYR D 107 12.79 16.20 -0.93
N THR D 108 11.51 16.14 -1.28
CA THR D 108 10.45 16.04 -0.28
C THR D 108 10.39 14.64 0.35
N GLY D 109 11.07 13.70 -0.28
CA GLY D 109 11.08 12.34 0.23
C GLY D 109 9.94 11.49 -0.29
N ARG D 110 9.02 12.11 -1.02
CA ARG D 110 7.88 11.36 -1.54
C ARG D 110 8.24 10.32 -2.59
N THR D 111 9.25 10.62 -3.40
CA THR D 111 9.67 9.67 -4.43
C THR D 111 10.30 8.48 -3.73
N ALA D 112 11.21 8.75 -2.81
CA ALA D 112 11.88 7.72 -2.05
C ALA D 112 10.82 6.87 -1.34
N ARG D 113 9.85 7.51 -0.69
CA ARG D 113 8.79 6.80 0.00
C ARG D 113 8.02 5.86 -0.95
N ALA D 114 7.65 6.39 -2.11
CA ALA D 114 6.93 5.60 -3.10
C ALA D 114 7.75 4.37 -3.52
N ALA D 115 9.07 4.55 -3.61
CA ALA D 115 9.96 3.46 -3.99
C ALA D 115 10.00 2.43 -2.86
N LEU D 116 10.06 2.93 -1.63
CA LEU D 116 10.10 2.09 -0.44
C LEU D 116 8.82 1.26 -0.39
N ASP D 117 7.71 1.90 -0.73
CA ASP D 117 6.42 1.22 -0.73
C ASP D 117 6.45 0.04 -1.68
N ALA D 118 6.86 0.33 -2.91
CA ALA D 118 6.95 -0.67 -3.96
C ALA D 118 7.84 -1.85 -3.58
N LEU D 119 9.03 -1.58 -3.08
CA LEU D 119 9.92 -2.67 -2.69
C LEU D 119 9.22 -3.62 -1.73
N ILE D 120 8.69 -3.06 -0.64
CA ILE D 120 8.01 -3.84 0.37
C ILE D 120 6.84 -4.65 -0.16
N ASP D 121 6.20 -4.20 -1.24
CA ASP D 121 5.10 -4.96 -1.82
C ASP D 121 5.67 -6.15 -2.63
N LEU D 122 6.98 -6.16 -2.80
CA LEU D 122 7.64 -7.22 -3.57
C LEU D 122 8.44 -8.20 -2.74
N GLY D 123 8.74 -7.85 -1.50
CA GLY D 123 9.51 -8.74 -0.65
C GLY D 123 9.83 -8.10 0.69
N ARG D 124 10.54 -8.83 1.54
CA ARG D 124 10.87 -8.34 2.86
C ARG D 124 12.37 -8.32 3.08
N PRO D 125 13.03 -7.23 2.67
CA PRO D 125 14.48 -7.10 2.84
C PRO D 125 14.87 -7.15 4.31
N ARG D 126 16.08 -7.65 4.58
CA ARG D 126 16.61 -7.69 5.94
C ARG D 126 16.70 -6.22 6.38
N ARG D 127 17.03 -5.37 5.42
CA ARG D 127 17.16 -3.94 5.64
C ARG D 127 17.08 -3.21 4.31
N ILE D 128 16.80 -1.92 4.37
CA ILE D 128 16.70 -1.07 3.19
C ILE D 128 17.36 0.26 3.50
N TYR D 129 18.43 0.56 2.78
CA TYR D 129 19.12 1.83 2.98
C TYR D 129 18.67 2.77 1.86
N LEU D 130 19.00 4.04 2.04
CA LEU D 130 18.70 5.02 1.02
C LEU D 130 20.01 5.78 0.75
N ALA D 131 20.49 5.70 -0.48
CA ALA D 131 21.70 6.43 -0.87
C ALA D 131 21.32 7.46 -1.94
N VAL D 132 21.78 8.69 -1.75
CA VAL D 132 21.49 9.74 -2.71
C VAL D 132 22.71 10.60 -2.96
N LEU D 133 22.90 10.98 -4.23
CA LEU D 133 24.04 11.83 -4.60
C LEU D 133 23.88 13.15 -3.86
N VAL D 134 22.71 13.77 -3.96
CA VAL D 134 22.52 15.04 -3.26
C VAL D 134 21.19 15.10 -2.54
N ASP D 135 21.24 15.71 -1.36
CA ASP D 135 20.05 15.88 -0.55
C ASP D 135 19.82 17.39 -0.50
N ARG D 136 18.76 17.87 -1.15
CA ARG D 136 18.47 19.29 -1.16
C ARG D 136 17.45 19.74 -0.12
N GLY D 137 17.27 18.95 0.93
CA GLY D 137 16.34 19.29 2.00
C GLY D 137 14.88 19.42 1.59
N HIS D 138 14.09 20.02 2.48
CA HIS D 138 12.66 20.23 2.26
C HIS D 138 11.81 18.97 2.35
N ARG D 139 12.08 18.16 3.36
CA ARG D 139 11.33 16.92 3.57
C ARG D 139 9.88 17.22 3.89
N GLU D 140 9.02 16.30 3.50
CA GLU D 140 7.59 16.42 3.75
C GLU D 140 7.16 15.08 4.37
N LEU D 141 8.15 14.24 4.61
CA LEU D 141 7.97 12.92 5.19
C LEU D 141 9.18 12.61 6.06
N PRO D 142 9.00 11.69 7.02
CA PRO D 142 10.07 11.28 7.93
C PRO D 142 11.12 10.40 7.28
N ILE D 143 11.41 10.65 6.00
CA ILE D 143 12.41 9.87 5.28
C ILE D 143 13.75 10.60 5.32
N ARG D 144 14.84 9.84 5.34
CA ARG D 144 16.17 10.44 5.36
C ARG D 144 17.12 9.51 4.63
N ALA D 145 18.22 10.06 4.14
CA ALA D 145 19.18 9.24 3.42
C ALA D 145 20.24 8.68 4.37
N ASP D 146 20.55 7.40 4.22
CA ASP D 146 21.58 6.78 5.04
C ASP D 146 22.94 7.22 4.52
N PHE D 147 23.03 7.38 3.20
CA PHE D 147 24.26 7.80 2.54
C PHE D 147 23.99 9.04 1.68
N VAL D 148 24.83 10.05 1.81
CA VAL D 148 24.62 11.26 1.04
C VAL D 148 25.89 11.75 0.39
N GLY D 149 25.83 12.01 -0.92
CA GLY D 149 26.99 12.52 -1.61
C GLY D 149 27.32 13.92 -1.12
N LYS D 150 26.33 14.81 -1.17
CA LYS D 150 26.53 16.18 -0.70
C LYS D 150 25.22 16.82 -0.24
N ASN D 151 25.27 17.55 0.86
CA ASN D 151 24.07 18.22 1.38
C ASN D 151 24.02 19.60 0.77
N VAL D 152 22.93 19.90 0.06
CA VAL D 152 22.80 21.19 -0.59
C VAL D 152 21.61 22.00 -0.09
N PRO D 153 21.88 23.00 0.75
CA PRO D 153 20.82 23.85 1.31
C PRO D 153 20.20 24.62 0.16
N THR D 154 18.89 24.50 0.00
CA THR D 154 18.22 25.20 -1.08
C THR D 154 17.04 25.99 -0.57
N SER D 155 16.45 26.78 -1.47
CA SER D 155 15.29 27.59 -1.15
C SER D 155 14.16 26.91 -1.88
N ARG D 156 12.93 27.15 -1.44
CA ARG D 156 11.78 26.52 -2.05
C ARG D 156 11.74 26.65 -3.57
N SER D 157 12.12 27.83 -4.07
CA SER D 157 12.09 28.12 -5.50
C SER D 157 13.22 27.51 -6.33
N GLU D 158 14.37 27.24 -5.70
CA GLU D 158 15.50 26.66 -6.43
C GLU D 158 15.20 25.25 -6.89
N VAL D 159 16.04 24.77 -7.80
CA VAL D 159 15.89 23.43 -8.38
C VAL D 159 17.26 22.79 -8.59
N VAL D 160 17.38 21.50 -8.29
CA VAL D 160 18.67 20.84 -8.50
C VAL D 160 18.59 19.95 -9.72
N LYS D 161 19.54 20.12 -10.63
CA LYS D 161 19.59 19.31 -11.83
C LYS D 161 20.83 18.43 -11.81
N VAL D 162 20.62 17.13 -11.90
CA VAL D 162 21.73 16.20 -11.90
C VAL D 162 21.94 15.69 -13.31
N LYS D 163 23.15 15.86 -13.83
CA LYS D 163 23.49 15.39 -15.16
C LYS D 163 24.53 14.29 -15.01
N VAL D 164 24.34 13.19 -15.74
CA VAL D 164 25.28 12.07 -15.71
C VAL D 164 25.55 11.58 -17.13
N GLU D 165 26.81 11.23 -17.40
CA GLU D 165 27.25 10.74 -18.72
C GLU D 165 26.25 9.86 -19.45
N GLU D 166 25.91 8.72 -18.83
CA GLU D 166 25.00 7.75 -19.40
C GLU D 166 23.68 8.31 -19.87
N VAL D 167 23.25 9.44 -19.33
CA VAL D 167 21.97 10.02 -19.72
C VAL D 167 22.06 11.40 -20.33
N ASP D 168 22.93 12.24 -19.79
CA ASP D 168 23.07 13.61 -20.26
C ASP D 168 24.36 13.92 -21.02
N GLY D 169 25.22 12.92 -21.15
CA GLY D 169 26.48 13.10 -21.86
C GLY D 169 27.52 13.85 -21.04
N GLU D 170 27.17 14.16 -19.80
CA GLU D 170 28.06 14.90 -18.91
C GLU D 170 27.75 14.70 -17.43
N ASP D 171 28.79 14.60 -16.61
CA ASP D 171 28.62 14.46 -15.16
C ASP D 171 28.66 15.83 -14.50
N ARG D 172 27.52 16.32 -14.04
CA ARG D 172 27.50 17.61 -13.37
C ARG D 172 26.25 17.76 -12.53
N VAL D 173 26.35 18.55 -11.46
CA VAL D 173 25.21 18.85 -10.59
C VAL D 173 25.06 20.37 -10.61
N GLU D 174 23.90 20.82 -11.08
CA GLU D 174 23.62 22.24 -11.21
C GLU D 174 22.51 22.75 -10.32
N LEU D 175 22.67 23.98 -9.85
CA LEU D 175 21.67 24.62 -9.01
C LEU D 175 21.01 25.67 -9.89
N TRP D 176 19.69 25.60 -9.97
CA TRP D 176 18.90 26.54 -10.77
C TRP D 176 17.91 27.26 -9.89
N GLU D 177 17.25 28.28 -10.41
CA GLU D 177 16.28 29.02 -9.64
C GLU D 177 15.31 29.72 -10.53
N ARG D 178 14.09 29.92 -10.03
CA ARG D 178 13.08 30.63 -10.79
C ARG D 178 12.72 31.94 -10.08
CL CL E . -16.07 2.14 -6.89
CL CL F . -5.55 -16.05 -5.00
CL CL G . 9.42 1.77 14.54
CL CL H . 12.39 12.56 -2.99
#